data_6ZE4
#
_entry.id   6ZE4
#
_cell.length_a   93.562
_cell.length_b   109.875
_cell.length_c   116.113
_cell.angle_alpha   90.000
_cell.angle_beta   90.000
_cell.angle_gamma   90.000
#
_symmetry.space_group_name_H-M   'P 21 21 21'
#
loop_
_entity.id
_entity.type
_entity.pdbx_description
1 polymer 'FAD-dependent oxidoreductase'
2 branched 2-acetamido-2-deoxy-beta-D-glucopyranose-(1-4)-2-acetamido-2-deoxy-beta-D-glucopyranose
3 branched beta-D-mannopyranose-(1-4)-2-acetamido-2-deoxy-beta-D-glucopyranose-(1-4)-2-acetamido-2-deoxy-beta-D-glucopyranose
4 non-polymer 'DIHYDROFLAVINE-ADENINE DINUCLEOTIDE'
5 non-polymer 2-acetamido-2-deoxy-beta-D-glucopyranose
6 non-polymer 4-oxo-N-[(1S)-1-(pyridin-3-yl)ethyl]-4-(thiophen-2-yl)butanamide
7 non-polymer 'FORMIC ACID'
8 non-polymer 'SODIUM ION'
9 non-polymer 'MAGNESIUM ION'
10 water water
#
_entity_poly.entity_id   1
_entity_poly.type   'polypeptide(L)'
_entity_poly.pdbx_seq_one_letter_code
;NVHSNYTFIIAGGGISGLTLADRLTEDPRVTVLVIEAGPLDRGEDGILVPGAFSPWLYFWPGLVSTPQAGLNNRTVDVIT
AQVVGGGSTINAMVYLRGDKDDYDSWGALGNPGWSWNSMLPYFIKSETFTPPSPELAAAGNITWDGSIRGRSGPVNYSYP
NYFFPGSENWWNAANEVGLPPVKDPMAGSKQGVFWIPSAIDARTMTRSHARRNHYDRVSSRPNYHILPSHLVSKILFRGK
QAIGVSYIPTSGGNTTTNVYASKEITLAAGGLGTPKILQLSGIGPRKLLNELGIPVISDLPGVGQNLQDQPTLTIPYTFT
NNVFPNTDSLTTNATYNAEQRALYDSSKQGAYTIVNSLSTNIGVMSLQRAAPKSYRQIIAAARARSASLSLPPGTDPAVI
RGYQAQRNAILKQFENPNVGVGTVHWGTGSSALVYHLKPLSRGTVNIRSTNPLDAPEIDYRTGTDPIDAQVYTSLFRKNR
EIFNAPSMRVLGPSEAAPFGANLTTDEEIYAVMRELINPSNAHQCCTAAMMPKDMGGVVSSEQKVYGVQGLRVADISFWP
FQLSGSPMATAYAGAERLADVIKKEHRLAGAPKSL
;
_entity_poly.pdbx_strand_id   A,B
#
# COMPACT_ATOMS: atom_id res chain seq x y z
N ASN A 5 3.42 46.05 13.82
CA ASN A 5 2.80 45.48 15.07
C ASN A 5 2.09 44.15 14.74
N TYR A 6 2.46 43.07 15.42
CA TYR A 6 1.91 41.71 15.27
C TYR A 6 1.35 41.28 16.62
N THR A 7 0.51 40.27 16.67
CA THR A 7 0.02 39.70 17.96
C THR A 7 1.18 38.95 18.63
N PHE A 8 1.90 38.12 17.86
CA PHE A 8 2.98 37.26 18.35
C PHE A 8 4.15 37.37 17.38
N ILE A 9 5.35 37.38 17.93
CA ILE A 9 6.60 37.21 17.14
C ILE A 9 7.21 35.91 17.61
N ILE A 10 7.58 35.08 16.63
CA ILE A 10 8.24 33.78 16.92
C ILE A 10 9.64 33.83 16.32
N ALA A 11 10.65 33.67 17.16
CA ALA A 11 12.09 33.66 16.79
C ALA A 11 12.46 32.22 16.45
N GLY A 12 12.53 31.91 15.14
CA GLY A 12 12.88 30.58 14.65
C GLY A 12 11.70 29.92 13.99
N GLY A 13 11.86 29.53 12.73
CA GLY A 13 10.84 28.84 11.92
C GLY A 13 11.15 27.36 11.74
N GLY A 14 11.49 26.66 12.81
CA GLY A 14 11.70 25.20 12.79
C GLY A 14 10.45 24.45 13.19
N ILE A 15 10.63 23.24 13.70
CA ILE A 15 9.48 22.36 13.98
C ILE A 15 8.56 23.09 14.95
N SER A 16 9.12 23.56 16.07
CA SER A 16 8.30 24.15 17.17
C SER A 16 7.69 25.49 16.70
N GLY A 17 8.50 26.36 16.07
CA GLY A 17 8.05 27.69 15.60
C GLY A 17 6.89 27.57 14.61
N LEU A 18 7.02 26.75 13.57
CA LEU A 18 5.96 26.65 12.52
C LEU A 18 4.72 25.98 13.12
N THR A 19 4.85 24.97 13.98
CA THR A 19 3.69 24.26 14.53
C THR A 19 2.88 25.31 15.31
N LEU A 20 3.55 26.07 16.16
CA LEU A 20 2.90 27.11 16.99
C LEU A 20 2.28 28.18 16.08
N ALA A 21 3.00 28.67 15.07
CA ALA A 21 2.51 29.76 14.18
C ALA A 21 1.22 29.31 13.47
N ASP A 22 1.22 28.08 12.96
CA ASP A 22 0.06 27.44 12.30
C ASP A 22 -1.12 27.54 13.28
N ARG A 23 -0.98 26.95 14.47
CA ARG A 23 -2.13 26.82 15.38
C ARG A 23 -2.63 28.21 15.80
N LEU A 24 -1.75 29.16 16.11
CA LEU A 24 -2.18 30.51 16.59
C LEU A 24 -2.93 31.25 15.47
N THR A 25 -2.56 31.06 14.21
CA THR A 25 -3.16 31.76 13.04
C THR A 25 -4.50 31.12 12.61
N GLU A 26 -4.92 30.01 13.24
CA GLU A 26 -6.29 29.46 13.08
C GLU A 26 -7.32 30.52 13.49
N ASP A 27 -6.93 31.44 14.39
CA ASP A 27 -7.75 32.64 14.74
C ASP A 27 -7.40 33.78 13.78
N PRO A 28 -8.31 34.18 12.87
CA PRO A 28 -8.01 35.27 11.93
C PRO A 28 -7.69 36.62 12.60
N ARG A 29 -8.05 36.82 13.89
CA ARG A 29 -7.77 38.06 14.65
C ARG A 29 -6.33 38.06 15.15
N VAL A 30 -5.62 36.94 14.99
CA VAL A 30 -4.27 36.77 15.54
C VAL A 30 -3.28 36.81 14.39
N THR A 31 -2.38 37.78 14.44
CA THR A 31 -1.28 37.88 13.46
C THR A 31 -0.01 37.36 14.10
N VAL A 32 0.80 36.67 13.30
CA VAL A 32 2.06 36.08 13.78
C VAL A 32 3.12 36.44 12.74
N LEU A 33 4.27 36.83 13.20
CA LEU A 33 5.49 36.93 12.36
C LEU A 33 6.47 35.85 12.84
N VAL A 34 6.88 34.97 11.93
CA VAL A 34 7.97 34.01 12.20
C VAL A 34 9.23 34.55 11.53
N ILE A 35 10.26 34.80 12.33
CA ILE A 35 11.59 35.26 11.83
C ILE A 35 12.52 34.05 11.84
N GLU A 36 13.04 33.65 10.69
CA GLU A 36 13.75 32.35 10.56
C GLU A 36 15.11 32.62 9.90
N ALA A 37 16.18 32.18 10.55
CA ALA A 37 17.59 32.38 10.16
C ALA A 37 17.84 31.96 8.71
N GLY A 38 17.33 30.79 8.32
CA GLY A 38 17.57 30.19 7.00
C GLY A 38 16.53 30.61 5.96
N PRO A 39 16.77 30.19 4.70
CA PRO A 39 15.83 30.41 3.60
C PRO A 39 14.72 29.36 3.53
N LEU A 40 13.77 29.52 2.60
CA LEU A 40 12.85 28.46 2.14
C LEU A 40 13.66 27.45 1.35
N ASP A 41 13.50 26.16 1.63
CA ASP A 41 14.07 25.12 0.75
C ASP A 41 13.41 25.25 -0.66
N ARG A 42 14.08 24.74 -1.68
CA ARG A 42 13.61 24.84 -3.08
C ARG A 42 12.91 23.57 -3.55
N GLY A 43 12.45 22.69 -2.66
CA GLY A 43 11.89 21.36 -3.02
C GLY A 43 12.91 20.52 -3.80
N GLU A 44 14.19 20.64 -3.50
CA GLU A 44 15.31 19.82 -4.06
C GLU A 44 15.01 18.33 -3.82
N ASP A 45 15.45 17.46 -4.73
CA ASP A 45 15.38 15.99 -4.51
C ASP A 45 16.05 15.61 -3.18
N GLY A 46 17.16 16.28 -2.81
CA GLY A 46 17.90 16.05 -1.56
C GLY A 46 17.06 16.23 -0.30
N ILE A 47 16.01 17.02 -0.40
CA ILE A 47 15.07 17.26 0.71
C ILE A 47 13.87 16.31 0.54
N LEU A 48 13.19 16.29 -0.61
CA LEU A 48 11.86 15.62 -0.69
C LEU A 48 11.97 14.10 -0.85
N VAL A 49 13.00 13.59 -1.52
CA VAL A 49 13.05 12.15 -1.87
C VAL A 49 13.95 11.43 -0.85
N PRO A 50 13.40 10.43 -0.10
CA PRO A 50 14.15 9.76 0.96
C PRO A 50 15.50 9.22 0.45
N GLY A 51 15.50 8.60 -0.72
CA GLY A 51 16.70 7.94 -1.30
C GLY A 51 17.78 8.93 -1.69
N ALA A 52 17.42 10.19 -1.91
CA ALA A 52 18.31 11.27 -2.37
C ALA A 52 18.87 12.05 -1.17
N PHE A 53 18.54 11.66 0.05
CA PHE A 53 18.78 12.41 1.31
C PHE A 53 20.13 13.17 1.30
N SER A 54 20.09 14.50 1.43
CA SER A 54 21.26 15.42 1.37
C SER A 54 21.20 16.45 2.49
N PRO A 55 21.35 16.07 3.78
CA PRO A 55 21.05 16.98 4.88
C PRO A 55 21.95 18.24 4.93
N TRP A 56 23.15 18.18 4.31
CA TRP A 56 24.21 19.23 4.40
C TRP A 56 23.79 20.52 3.69
N LEU A 57 22.78 20.45 2.80
CA LEU A 57 22.22 21.59 2.06
C LEU A 57 21.92 22.77 3.00
N TYR A 58 21.52 22.53 4.25
CA TYR A 58 20.99 23.61 5.13
C TYR A 58 21.56 23.48 6.55
N PHE A 59 22.74 22.90 6.71
CA PHE A 59 23.46 22.95 8.01
C PHE A 59 23.86 24.40 8.31
N TRP A 60 23.69 24.77 9.57
CA TRP A 60 24.15 26.08 10.08
C TRP A 60 25.68 26.14 9.92
N PRO A 61 26.25 27.15 9.24
CA PRO A 61 27.70 27.17 9.00
C PRO A 61 28.52 27.73 10.18
N GLY A 62 29.77 27.31 10.29
CA GLY A 62 30.79 27.87 11.20
C GLY A 62 30.55 27.56 12.68
N LEU A 63 29.88 26.44 12.99
CA LEU A 63 29.74 25.94 14.38
C LEU A 63 30.71 24.77 14.60
N VAL A 64 31.62 24.93 15.56
CA VAL A 64 32.59 23.88 15.94
CA VAL A 64 32.63 23.90 15.95
C VAL A 64 32.58 23.79 17.46
N SER A 65 32.76 22.59 18.00
CA SER A 65 32.76 22.42 19.47
C SER A 65 34.07 22.93 20.05
N THR A 66 34.07 23.09 21.36
CA THR A 66 35.35 23.12 22.14
C THR A 66 36.01 21.75 22.07
N PRO A 67 37.32 21.65 22.39
CA PRO A 67 37.93 20.34 22.61
C PRO A 67 37.12 19.54 23.64
N GLN A 68 36.82 18.28 23.36
CA GLN A 68 35.92 17.45 24.19
C GLN A 68 36.77 16.63 25.17
N ALA A 69 36.79 17.05 26.44
CA ALA A 69 37.67 16.50 27.50
C ALA A 69 37.43 14.98 27.64
N GLY A 70 36.20 14.50 27.43
CA GLY A 70 35.79 13.10 27.58
C GLY A 70 36.11 12.27 26.34
N LEU A 71 36.53 12.89 25.25
CA LEU A 71 36.71 12.21 23.94
C LEU A 71 38.09 12.54 23.40
N ASN A 72 39.12 12.43 24.23
CA ASN A 72 40.52 12.64 23.79
C ASN A 72 40.73 14.06 23.25
N ASN A 73 40.00 15.05 23.76
CA ASN A 73 40.12 16.47 23.39
C ASN A 73 39.83 16.70 21.90
N ARG A 74 39.07 15.81 21.25
CA ARG A 74 38.60 16.02 19.85
C ARG A 74 37.68 17.25 19.78
N THR A 75 37.83 18.03 18.72
CA THR A 75 36.89 19.10 18.33
C THR A 75 36.03 18.54 17.20
N VAL A 76 34.72 18.81 17.21
CA VAL A 76 33.80 18.25 16.18
C VAL A 76 33.05 19.40 15.52
N ASP A 77 32.73 19.27 14.22
CA ASP A 77 31.73 20.12 13.55
C ASP A 77 30.37 19.90 14.23
N VAL A 78 29.71 21.00 14.52
CA VAL A 78 28.38 21.05 15.17
C VAL A 78 27.33 21.11 14.06
N ILE A 79 26.33 20.26 14.15
CA ILE A 79 25.30 20.08 13.11
C ILE A 79 23.97 20.52 13.72
N THR A 80 23.37 21.54 13.10
CA THR A 80 21.98 21.97 13.40
C THR A 80 21.41 22.61 12.12
N ALA A 81 20.10 22.66 12.01
CA ALA A 81 19.42 23.16 10.78
C ALA A 81 19.50 24.70 10.72
N GLN A 82 19.57 25.24 9.51
CA GLN A 82 19.35 26.69 9.26
C GLN A 82 18.47 26.81 8.02
N VAL A 83 17.14 26.69 8.20
CA VAL A 83 16.20 26.56 7.06
C VAL A 83 14.79 26.65 7.62
N VAL A 84 13.87 27.20 6.84
CA VAL A 84 12.44 27.11 7.21
C VAL A 84 12.12 25.61 7.37
N GLY A 85 11.45 25.25 8.47
CA GLY A 85 11.15 23.86 8.86
C GLY A 85 12.19 23.27 9.84
N GLY A 86 13.31 23.95 10.02
CA GLY A 86 14.40 23.57 10.94
C GLY A 86 14.83 22.14 10.70
N GLY A 87 14.98 21.39 11.80
CA GLY A 87 15.51 20.02 11.71
C GLY A 87 14.63 19.14 10.84
N SER A 88 13.32 19.35 10.82
CA SER A 88 12.42 18.48 10.03
C SER A 88 12.78 18.50 8.53
N THR A 89 13.35 19.59 8.03
CA THR A 89 13.66 19.81 6.59
C THR A 89 14.84 18.92 6.18
N ILE A 90 15.72 18.60 7.11
CA ILE A 90 16.99 17.91 6.73
C ILE A 90 17.27 16.68 7.60
N ASN A 91 16.35 16.27 8.46
CA ASN A 91 16.65 15.14 9.40
C ASN A 91 16.38 13.81 8.65
N ALA A 92 16.68 12.67 9.29
CA ALA A 92 16.48 11.33 8.68
C ALA A 92 15.01 10.86 8.79
N MET A 93 14.06 11.76 9.14
CA MET A 93 12.58 11.53 9.08
C MET A 93 12.16 10.45 10.11
N VAL A 94 13.04 10.12 11.06
CA VAL A 94 12.74 9.09 12.09
C VAL A 94 11.73 9.72 13.05
N TYR A 95 10.60 9.08 13.22
CA TYR A 95 9.42 9.65 13.90
C TYR A 95 9.03 8.69 15.02
N LEU A 96 9.51 8.98 16.23
CA LEU A 96 9.30 8.13 17.44
C LEU A 96 8.97 8.99 18.63
N ARG A 97 7.93 8.59 19.36
CA ARG A 97 7.65 9.18 20.69
C ARG A 97 8.63 8.64 21.74
N GLY A 98 8.84 9.41 22.82
CA GLY A 98 9.53 8.89 24.03
C GLY A 98 8.73 7.83 24.76
N ASP A 99 9.22 7.33 25.90
CA ASP A 99 8.50 6.34 26.72
C ASP A 99 7.69 7.13 27.77
N LYS A 100 6.71 6.45 28.36
CA LYS A 100 5.74 7.10 29.27
C LYS A 100 6.50 7.84 30.37
N ASP A 101 7.50 7.19 30.98
CA ASP A 101 8.21 7.78 32.13
C ASP A 101 9.05 9.01 31.77
N ASP A 102 9.42 9.22 30.50
CA ASP A 102 10.06 10.50 30.12
C ASP A 102 9.15 11.68 30.56
N TYR A 103 7.89 11.66 30.11
CA TYR A 103 6.92 12.76 30.32
C TYR A 103 6.51 12.77 31.80
N ASP A 104 6.33 11.60 32.39
CA ASP A 104 5.95 11.47 33.83
C ASP A 104 7.07 12.09 34.68
N SER A 105 8.32 11.87 34.30
CA SER A 105 9.52 12.40 34.99
C SER A 105 9.53 13.93 34.89
N TRP A 106 9.30 14.51 33.69
CA TRP A 106 9.25 15.97 33.49
C TRP A 106 8.23 16.56 34.49
N GLY A 107 7.10 15.92 34.67
CA GLY A 107 6.05 16.36 35.59
C GLY A 107 6.54 16.32 37.03
N ALA A 108 7.24 15.23 37.40
CA ALA A 108 7.69 14.96 38.77
C ALA A 108 8.86 15.89 39.15
N LEU A 109 9.51 16.55 38.17
CA LEU A 109 10.55 17.57 38.46
C LEU A 109 9.93 18.89 38.98
N GLY A 110 8.60 18.98 39.07
CA GLY A 110 7.84 20.14 39.57
C GLY A 110 7.17 20.90 38.44
N ASN A 111 6.59 20.19 37.48
CA ASN A 111 5.92 20.75 36.28
C ASN A 111 4.51 20.21 36.22
N PRO A 112 3.54 20.90 36.86
CA PRO A 112 2.17 20.46 36.80
C PRO A 112 1.65 20.38 35.35
N GLY A 113 0.86 19.32 35.10
CA GLY A 113 0.14 19.11 33.83
C GLY A 113 0.98 18.39 32.80
N TRP A 114 2.18 17.91 33.18
CA TRP A 114 3.11 17.12 32.34
C TRP A 114 3.11 15.65 32.75
N SER A 115 2.76 14.78 31.80
CA SER A 115 2.67 13.32 31.94
C SER A 115 2.51 12.67 30.57
N TRP A 116 2.68 11.36 30.52
CA TRP A 116 2.30 10.61 29.29
C TRP A 116 0.81 10.87 28.98
N ASN A 117 -0.03 10.79 30.01
CA ASN A 117 -1.50 10.94 29.84
C ASN A 117 -1.81 12.31 29.21
N SER A 118 -1.18 13.38 29.62
CA SER A 118 -1.51 14.72 29.11
C SER A 118 -0.89 14.88 27.71
N MET A 119 0.22 14.21 27.42
CA MET A 119 0.88 14.35 26.10
C MET A 119 0.17 13.53 25.01
N LEU A 120 -0.41 12.38 25.33
CA LEU A 120 -0.98 11.44 24.35
C LEU A 120 -1.96 12.13 23.39
N PRO A 121 -2.98 12.90 23.87
CA PRO A 121 -3.88 13.57 22.95
C PRO A 121 -3.20 14.55 21.97
N TYR A 122 -2.06 15.15 22.34
CA TYR A 122 -1.25 16.08 21.50
C TYR A 122 -0.39 15.28 20.50
N PHE A 123 0.15 14.13 20.90
CA PHE A 123 0.77 13.18 19.94
C PHE A 123 -0.25 12.79 18.85
N ILE A 124 -1.48 12.45 19.26
CA ILE A 124 -2.57 12.03 18.33
C ILE A 124 -2.96 13.22 17.45
N LYS A 125 -3.15 14.40 18.05
CA LYS A 125 -3.60 15.61 17.33
C LYS A 125 -2.56 16.01 16.28
N SER A 126 -1.28 15.77 16.55
CA SER A 126 -0.14 16.27 15.73
C SER A 126 -0.14 15.69 14.30
N GLU A 127 -0.77 14.56 14.07
CA GLU A 127 -0.34 13.65 12.98
C GLU A 127 -1.50 12.90 12.28
N THR A 128 -1.17 12.40 11.11
CA THR A 128 -1.94 11.40 10.34
C THR A 128 -1.00 10.25 10.01
N PHE A 129 -1.27 9.08 10.60
CA PHE A 129 -0.61 7.82 10.23
C PHE A 129 -1.27 7.25 8.97
N THR A 130 -0.48 6.92 7.95
CA THR A 130 -0.99 6.10 6.82
C THR A 130 -0.47 4.68 6.94
N PRO A 131 -1.34 3.67 7.10
CA PRO A 131 -0.90 2.28 7.20
C PRO A 131 -0.15 1.87 5.94
N PRO A 132 0.83 0.97 6.10
CA PRO A 132 1.47 0.34 4.94
C PRO A 132 0.49 -0.63 4.25
N SER A 133 0.86 -1.11 3.08
CA SER A 133 0.06 -2.14 2.36
C SER A 133 0.03 -3.41 3.23
N PRO A 134 -1.03 -4.21 3.18
CA PRO A 134 -1.11 -5.46 3.96
C PRO A 134 -0.04 -6.50 3.64
N GLU A 135 0.38 -6.61 2.38
CA GLU A 135 1.46 -7.58 2.05
C GLU A 135 2.78 -7.15 2.69
N LEU A 136 3.07 -5.85 2.69
CA LEU A 136 4.34 -5.39 3.28
C LEU A 136 4.28 -5.54 4.80
N ALA A 137 3.14 -5.26 5.43
CA ALA A 137 2.97 -5.43 6.89
C ALA A 137 3.22 -6.91 7.26
N ALA A 138 2.66 -7.84 6.50
CA ALA A 138 2.83 -9.27 6.77
C ALA A 138 4.27 -9.69 6.53
N ALA A 139 4.83 -9.38 5.37
CA ALA A 139 6.18 -9.84 5.00
C ALA A 139 7.22 -9.19 5.94
N GLY A 140 7.00 -7.91 6.30
CA GLY A 140 7.97 -7.07 7.01
C GLY A 140 7.89 -7.23 8.51
N ASN A 141 6.79 -7.77 9.05
CA ASN A 141 6.46 -7.74 10.49
C ASN A 141 6.26 -6.28 10.95
N ILE A 142 5.46 -5.52 10.19
CA ILE A 142 5.10 -4.13 10.51
C ILE A 142 3.82 -4.26 11.32
N THR A 143 3.83 -3.75 12.55
CA THR A 143 2.64 -3.74 13.43
C THR A 143 2.48 -2.34 14.03
N TRP A 144 1.28 -2.04 14.50
CA TRP A 144 0.93 -0.75 15.10
C TRP A 144 -0.38 -0.92 15.87
N ASP A 145 -0.64 0.03 16.74
CA ASP A 145 -1.88 0.16 17.51
C ASP A 145 -2.60 1.39 16.94
N GLY A 146 -3.56 1.16 16.03
CA GLY A 146 -4.34 2.22 15.38
C GLY A 146 -4.98 3.15 16.40
N SER A 147 -5.28 2.65 17.60
CA SER A 147 -5.99 3.39 18.68
C SER A 147 -5.13 4.55 19.20
N ILE A 148 -3.80 4.52 19.07
CA ILE A 148 -2.95 5.58 19.68
C ILE A 148 -2.09 6.28 18.63
N ARG A 149 -2.41 6.12 17.35
CA ARG A 149 -1.79 6.89 16.26
C ARG A 149 -2.84 7.83 15.66
N GLY A 150 -2.47 9.08 15.40
CA GLY A 150 -3.43 10.09 14.92
C GLY A 150 -3.90 9.81 13.48
N ARG A 151 -5.11 10.24 13.15
CA ARG A 151 -5.71 10.02 11.81
C ARG A 151 -6.08 11.34 11.13
N SER A 152 -5.95 12.49 11.79
CA SER A 152 -6.53 13.78 11.32
CA SER A 152 -6.47 13.74 11.18
C SER A 152 -5.53 14.94 11.34
N GLY A 153 -4.36 14.75 11.96
CA GLY A 153 -3.40 15.84 12.20
C GLY A 153 -2.49 16.09 11.02
N PRO A 154 -1.74 17.22 10.98
CA PRO A 154 -1.05 17.65 9.77
C PRO A 154 0.23 16.90 9.39
N VAL A 155 0.95 16.36 10.38
CA VAL A 155 2.23 15.63 10.09
C VAL A 155 1.83 14.27 9.50
N ASN A 156 2.20 14.06 8.24
CA ASN A 156 1.98 12.74 7.61
C ASN A 156 3.12 11.84 8.05
N TYR A 157 2.81 10.63 8.48
CA TYR A 157 3.87 9.61 8.66
C TYR A 157 3.35 8.24 8.25
N SER A 158 4.29 7.40 7.84
CA SER A 158 4.05 6.03 7.36
C SER A 158 5.36 5.22 7.44
N TYR A 159 5.59 4.37 6.46
CA TYR A 159 6.82 3.57 6.32
C TYR A 159 7.24 3.66 4.87
N PRO A 160 8.52 3.34 4.59
CA PRO A 160 8.93 3.01 3.24
C PRO A 160 8.07 1.82 2.74
N ASN A 161 7.96 1.65 1.43
CA ASN A 161 7.13 0.60 0.82
C ASN A 161 8.00 -0.59 0.35
N TYR A 162 9.16 -0.76 0.93
CA TYR A 162 10.20 -1.71 0.51
C TYR A 162 11.11 -1.97 1.72
N PHE A 163 11.75 -3.15 1.80
CA PHE A 163 12.83 -3.44 2.76
C PHE A 163 13.92 -4.24 2.04
N PHE A 164 15.17 -3.94 2.32
CA PHE A 164 16.33 -4.75 1.88
C PHE A 164 16.26 -6.11 2.57
N PRO A 165 16.59 -7.19 1.85
CA PRO A 165 16.43 -8.53 2.41
C PRO A 165 17.25 -8.77 3.69
N GLY A 166 18.43 -8.15 3.82
CA GLY A 166 19.30 -8.31 5.00
C GLY A 166 18.59 -7.86 6.27
N SER A 167 17.61 -6.98 6.15
CA SER A 167 16.86 -6.48 7.32
C SER A 167 16.20 -7.70 8.00
N GLU A 168 15.83 -8.73 7.23
CA GLU A 168 15.22 -9.99 7.74
C GLU A 168 16.23 -10.71 8.66
N ASN A 169 17.47 -10.95 8.19
CA ASN A 169 18.55 -11.54 9.01
C ASN A 169 18.73 -10.76 10.32
N TRP A 170 18.71 -9.44 10.25
CA TRP A 170 19.00 -8.61 11.44
C TRP A 170 17.83 -8.72 12.42
N TRP A 171 16.60 -8.67 11.93
CA TRP A 171 15.40 -8.82 12.80
C TRP A 171 15.48 -10.14 13.58
N ASN A 172 15.71 -11.25 12.86
CA ASN A 172 15.74 -12.60 13.49
C ASN A 172 16.91 -12.68 14.49
N ALA A 173 18.10 -12.15 14.14
CA ALA A 173 19.29 -12.09 15.02
C ALA A 173 18.95 -11.31 16.30
N ALA A 174 18.31 -10.17 16.17
CA ALA A 174 17.90 -9.35 17.33
C ALA A 174 16.97 -10.18 18.23
N ASN A 175 15.98 -10.86 17.65
CA ASN A 175 15.05 -11.73 18.40
C ASN A 175 15.82 -12.84 19.13
N GLU A 176 16.89 -13.37 18.50
CA GLU A 176 17.70 -14.48 19.06
C GLU A 176 18.46 -13.97 20.30
N VAL A 177 18.73 -12.67 20.43
CA VAL A 177 19.53 -12.14 21.59
C VAL A 177 18.72 -11.17 22.48
N GLY A 178 17.41 -11.40 22.58
CA GLY A 178 16.55 -10.83 23.63
C GLY A 178 15.98 -9.45 23.29
N LEU A 179 15.85 -9.14 22.00
CA LEU A 179 15.19 -7.92 21.46
C LEU A 179 13.98 -8.43 20.67
N PRO A 180 12.81 -8.56 21.32
CA PRO A 180 11.64 -9.17 20.69
C PRO A 180 10.91 -8.14 19.84
N PRO A 181 9.94 -8.57 19.01
CA PRO A 181 9.10 -7.63 18.27
C PRO A 181 8.27 -6.78 19.22
N VAL A 182 8.27 -5.48 18.97
CA VAL A 182 7.45 -4.49 19.71
C VAL A 182 6.15 -4.26 18.96
N LYS A 183 5.00 -4.37 19.63
CA LYS A 183 3.69 -4.18 18.94
C LYS A 183 3.65 -2.78 18.34
N ASP A 184 3.99 -1.76 19.14
CA ASP A 184 3.91 -0.37 18.67
C ASP A 184 4.82 0.48 19.52
N PRO A 185 5.96 0.93 18.96
CA PRO A 185 6.89 1.78 19.72
C PRO A 185 6.35 3.17 20.06
N MET A 186 5.17 3.52 19.51
CA MET A 186 4.46 4.79 19.76
C MET A 186 3.53 4.63 20.97
N ALA A 187 3.46 3.47 21.58
CA ALA A 187 2.49 3.21 22.68
C ALA A 187 3.12 3.46 24.07
N GLY A 188 4.27 4.09 24.16
CA GLY A 188 4.95 4.55 25.39
C GLY A 188 5.94 3.56 25.96
N SER A 189 6.28 2.49 25.22
CA SER A 189 7.41 1.57 25.51
C SER A 189 7.94 1.03 24.19
N LYS A 190 9.19 0.57 24.12
CA LYS A 190 9.76 0.17 22.81
C LYS A 190 10.90 -0.81 23.05
N GLN A 191 10.68 -1.80 23.92
CA GLN A 191 11.70 -2.79 24.33
C GLN A 191 11.81 -3.90 23.27
N GLY A 192 12.70 -3.70 22.30
CA GLY A 192 12.97 -4.69 21.25
C GLY A 192 13.07 -4.06 19.89
N VAL A 193 12.60 -4.77 18.87
CA VAL A 193 12.72 -4.34 17.45
C VAL A 193 11.36 -3.99 16.85
N PHE A 194 11.38 -3.07 15.90
CA PHE A 194 10.17 -2.54 15.26
C PHE A 194 10.57 -1.79 14.00
N TRP A 195 9.64 -1.69 13.09
CA TRP A 195 9.80 -0.75 11.95
C TRP A 195 9.88 0.70 12.44
N ILE A 196 10.78 1.42 11.85
CA ILE A 196 10.98 2.88 12.05
C ILE A 196 9.84 3.63 11.40
N PRO A 197 8.93 4.29 12.16
CA PRO A 197 7.99 5.19 11.52
C PRO A 197 8.74 6.38 10.92
N SER A 198 8.31 6.76 9.70
CA SER A 198 9.00 7.77 8.88
C SER A 198 8.05 8.90 8.54
N ALA A 199 8.49 10.14 8.76
CA ALA A 199 7.74 11.38 8.47
C ALA A 199 7.70 11.60 6.94
N ILE A 200 7.08 10.68 6.23
CA ILE A 200 6.84 10.71 4.76
C ILE A 200 5.34 10.79 4.50
N ASP A 201 4.98 11.55 3.49
CA ASP A 201 3.62 11.57 2.91
C ASP A 201 3.54 10.42 1.89
N ALA A 202 2.78 9.38 2.20
CA ALA A 202 2.61 8.15 1.41
C ALA A 202 1.97 8.43 0.04
N ARG A 203 1.28 9.55 -0.15
CA ARG A 203 0.70 9.83 -1.48
C ARG A 203 1.79 10.10 -2.53
N THR A 204 2.87 10.77 -2.17
CA THR A 204 3.96 11.14 -3.10
C THR A 204 5.27 10.43 -2.72
N MET A 205 5.32 9.75 -1.57
CA MET A 205 6.57 9.20 -0.99
CA MET A 205 6.59 9.20 -1.05
C MET A 205 7.61 10.34 -0.95
N THR A 206 7.23 11.43 -0.32
CA THR A 206 8.11 12.60 -0.09
C THR A 206 8.06 13.02 1.38
N ARG A 207 9.12 13.69 1.81
CA ARG A 207 9.29 14.24 3.17
C ARG A 207 8.06 15.07 3.56
N SER A 208 7.48 14.82 4.72
CA SER A 208 6.44 15.68 5.35
C SER A 208 7.11 16.52 6.43
N HIS A 209 7.82 17.57 6.05
CA HIS A 209 8.55 18.45 6.99
C HIS A 209 7.60 19.59 7.40
N ALA A 210 8.01 20.35 8.41
CA ALA A 210 7.17 21.38 9.04
C ALA A 210 6.91 22.55 8.07
N ARG A 211 7.83 22.82 7.15
CA ARG A 211 7.67 23.79 6.04
C ARG A 211 6.37 23.46 5.28
N ARG A 212 6.10 22.17 5.04
CA ARG A 212 4.94 21.70 4.28
C ARG A 212 3.73 21.61 5.22
N ASN A 213 3.85 20.83 6.31
CA ASN A 213 2.66 20.40 7.10
C ASN A 213 2.21 21.53 8.03
N HIS A 214 3.02 22.52 8.31
CA HIS A 214 2.69 23.64 9.23
C HIS A 214 2.96 25.02 8.63
N TYR A 215 3.28 25.14 7.33
CA TYR A 215 3.33 26.46 6.66
C TYR A 215 2.63 26.39 5.31
N ASP A 216 3.14 25.61 4.36
CA ASP A 216 2.54 25.53 3.00
C ASP A 216 1.05 25.21 3.10
N ARG A 217 0.69 24.24 3.94
CA ARG A 217 -0.68 23.71 4.16
C ARG A 217 -1.64 24.88 4.43
N VAL A 218 -1.15 25.92 5.08
CA VAL A 218 -1.98 27.06 5.60
C VAL A 218 -1.48 28.42 5.09
N SER A 219 -0.62 28.47 4.08
CA SER A 219 0.07 29.72 3.64
C SER A 219 -0.86 30.68 2.86
N SER A 220 -2.12 30.32 2.62
CA SER A 220 -3.16 31.24 2.08
C SER A 220 -3.55 32.24 3.18
N ARG A 221 -3.20 31.98 4.44
CA ARG A 221 -3.61 32.85 5.56
C ARG A 221 -2.81 34.15 5.52
N PRO A 222 -3.46 35.33 5.38
CA PRO A 222 -2.72 36.59 5.38
C PRO A 222 -2.13 36.96 6.76
N ASN A 223 -2.63 36.33 7.82
CA ASN A 223 -2.20 36.62 9.22
C ASN A 223 -0.96 35.81 9.62
N TYR A 224 -0.54 34.88 8.77
CA TYR A 224 0.63 34.02 9.02
C TYR A 224 1.81 34.54 8.21
N HIS A 225 2.62 35.40 8.84
CA HIS A 225 3.73 36.09 8.18
C HIS A 225 5.03 35.33 8.43
N ILE A 226 5.88 35.27 7.42
CA ILE A 226 7.23 34.62 7.53
CA ILE A 226 7.23 34.66 7.58
C ILE A 226 8.27 35.58 6.94
N LEU A 227 9.43 35.66 7.60
CA LEU A 227 10.59 36.41 7.15
C LEU A 227 11.78 35.46 7.22
N PRO A 228 12.08 34.76 6.12
CA PRO A 228 13.28 33.93 6.08
C PRO A 228 14.55 34.79 6.01
N SER A 229 15.69 34.16 6.23
CA SER A 229 17.05 34.72 6.02
C SER A 229 17.33 35.90 6.97
N HIS A 230 16.64 35.98 8.10
CA HIS A 230 16.91 36.97 9.17
C HIS A 230 17.09 36.29 10.54
N LEU A 231 17.88 36.92 11.40
CA LEU A 231 18.24 36.50 12.79
C LEU A 231 17.57 37.41 13.79
N VAL A 232 16.85 36.86 14.74
CA VAL A 232 16.48 37.62 15.97
C VAL A 232 17.76 37.78 16.80
N SER A 233 18.22 39.02 16.99
CA SER A 233 19.49 39.43 17.62
C SER A 233 19.27 39.84 19.07
N LYS A 234 18.05 40.19 19.44
CA LYS A 234 17.77 40.68 20.80
C LYS A 234 16.27 40.74 21.03
N ILE A 235 15.87 40.51 22.27
CA ILE A 235 14.49 40.76 22.78
C ILE A 235 14.44 42.20 23.28
N LEU A 236 13.31 42.88 23.02
CA LEU A 236 13.09 44.29 23.48
C LEU A 236 12.11 44.27 24.63
N PHE A 237 12.35 45.12 25.63
CA PHE A 237 11.59 45.17 26.89
C PHE A 237 11.06 46.59 27.16
N ARG A 238 9.88 46.65 27.76
CA ARG A 238 9.44 47.78 28.62
C ARG A 238 9.41 47.23 30.05
N GLY A 239 10.37 47.63 30.87
CA GLY A 239 10.61 47.06 32.20
C GLY A 239 10.88 45.57 32.08
N LYS A 240 10.04 44.74 32.69
CA LYS A 240 10.20 43.25 32.65
C LYS A 240 9.32 42.66 31.54
N GLN A 241 8.60 43.49 30.76
CA GLN A 241 7.67 43.03 29.69
C GLN A 241 8.43 42.90 28.37
N ALA A 242 8.43 41.71 27.76
CA ALA A 242 8.99 41.48 26.41
C ALA A 242 7.99 42.05 25.39
N ILE A 243 8.40 43.03 24.60
CA ILE A 243 7.44 43.77 23.72
C ILE A 243 7.81 43.62 22.25
N GLY A 244 8.99 43.09 21.93
CA GLY A 244 9.43 43.06 20.54
C GLY A 244 10.75 42.39 20.41
N VAL A 245 11.34 42.46 19.22
CA VAL A 245 12.67 41.91 18.92
C VAL A 245 13.34 42.87 17.95
N SER A 246 14.66 42.85 17.95
CA SER A 246 15.55 43.32 16.87
C SER A 246 15.88 42.12 15.98
N TYR A 247 15.90 42.36 14.68
CA TYR A 247 16.43 41.38 13.70
C TYR A 247 17.36 42.04 12.72
N ILE A 248 18.19 41.18 12.15
CA ILE A 248 19.30 41.55 11.23
C ILE A 248 19.31 40.51 10.11
N PRO A 249 19.96 40.82 8.98
CA PRO A 249 20.09 39.84 7.91
C PRO A 249 21.06 38.77 8.41
N THR A 250 20.73 37.50 8.14
CA THR A 250 21.60 36.35 8.51
C THR A 250 22.93 36.51 7.76
N SER A 251 22.90 37.12 6.58
CA SER A 251 24.13 37.27 5.75
C SER A 251 25.06 38.38 6.31
N GLY A 252 24.65 39.13 7.35
CA GLY A 252 25.57 39.98 8.13
C GLY A 252 25.65 41.42 7.63
N GLY A 253 24.67 41.89 6.85
CA GLY A 253 24.60 43.31 6.45
C GLY A 253 24.39 44.21 7.65
N ASN A 254 24.98 45.41 7.64
CA ASN A 254 24.96 46.34 8.80
C ASN A 254 23.59 47.03 8.86
N THR A 255 22.57 46.23 9.11
CA THR A 255 21.16 46.67 9.22
C THR A 255 20.60 46.01 10.47
N THR A 256 19.79 46.74 11.21
CA THR A 256 19.02 46.22 12.36
CA THR A 256 19.02 46.22 12.37
C THR A 256 17.65 46.88 12.33
N THR A 257 16.63 46.11 12.67
CA THR A 257 15.22 46.52 12.59
C THR A 257 14.52 46.09 13.86
N ASN A 258 13.67 46.94 14.45
CA ASN A 258 12.81 46.56 15.59
C ASN A 258 11.40 46.30 15.11
N VAL A 259 10.80 45.24 15.64
CA VAL A 259 9.40 44.86 15.37
C VAL A 259 8.77 44.44 16.70
N TYR A 260 7.47 44.72 16.88
CA TYR A 260 6.78 44.66 18.20
C TYR A 260 5.59 43.71 18.15
N ALA A 261 5.32 43.07 19.30
CA ALA A 261 4.19 42.15 19.51
C ALA A 261 3.26 42.72 20.59
N SER A 262 1.96 42.67 20.37
CA SER A 262 0.96 43.11 21.37
C SER A 262 0.80 42.08 22.49
N LYS A 263 1.04 40.78 22.26
CA LYS A 263 0.79 39.75 23.31
C LYS A 263 2.11 39.13 23.78
N GLU A 264 2.82 38.39 22.92
CA GLU A 264 4.01 37.68 23.42
C GLU A 264 5.07 37.52 22.34
N ILE A 265 6.29 37.36 22.84
CA ILE A 265 7.48 36.87 22.08
C ILE A 265 7.63 35.38 22.43
N THR A 266 7.78 34.54 21.42
CA THR A 266 8.09 33.11 21.59
C THR A 266 9.49 32.83 21.01
N LEU A 267 10.37 32.26 21.82
CA LEU A 267 11.68 31.75 21.31
C LEU A 267 11.50 30.30 20.86
N ALA A 268 11.94 30.01 19.62
CA ALA A 268 11.80 28.69 18.95
C ALA A 268 13.07 28.46 18.13
N ALA A 269 14.19 28.94 18.64
CA ALA A 269 15.48 29.03 17.90
C ALA A 269 16.36 27.82 18.17
N GLY A 270 15.81 26.84 18.89
CA GLY A 270 16.46 25.53 19.11
C GLY A 270 17.45 25.52 20.25
N GLY A 271 17.97 24.34 20.61
CA GLY A 271 18.94 24.15 21.70
C GLY A 271 20.15 25.07 21.64
N LEU A 272 20.67 25.33 20.43
CA LEU A 272 21.89 26.15 20.22
C LEU A 272 21.55 27.60 19.84
N GLY A 273 20.28 27.97 19.68
CA GLY A 273 19.88 29.33 19.29
C GLY A 273 19.14 30.08 20.38
N THR A 274 18.18 29.45 21.04
CA THR A 274 17.36 30.11 22.10
C THR A 274 18.25 30.68 23.21
N PRO A 275 19.21 29.92 23.81
CA PRO A 275 20.02 30.46 24.90
C PRO A 275 20.82 31.70 24.46
N LYS A 276 21.28 31.74 23.20
CA LYS A 276 22.00 32.92 22.66
C LYS A 276 21.07 34.15 22.66
N ILE A 277 19.82 34.00 22.24
CA ILE A 277 18.88 35.14 22.20
C ILE A 277 18.72 35.63 23.65
N LEU A 278 18.50 34.71 24.57
CA LEU A 278 18.27 35.05 26.01
C LEU A 278 19.50 35.81 26.56
N GLN A 279 20.70 35.28 26.37
CA GLN A 279 21.95 35.83 26.96
C GLN A 279 22.24 37.21 26.34
N LEU A 280 22.07 37.38 25.03
CA LEU A 280 22.25 38.70 24.34
C LEU A 280 21.26 39.72 24.88
N SER A 281 20.10 39.27 25.33
CA SER A 281 18.95 40.08 25.85
C SER A 281 19.06 40.39 27.35
N GLY A 282 20.15 40.00 28.00
CA GLY A 282 20.37 40.09 29.46
C GLY A 282 19.53 39.09 30.27
N ILE A 283 19.15 37.94 29.71
CA ILE A 283 18.47 36.85 30.47
C ILE A 283 19.45 35.67 30.51
N GLY A 284 20.05 35.46 31.66
CA GLY A 284 21.10 34.42 31.79
C GLY A 284 21.96 34.67 33.02
N PRO A 285 23.11 33.97 33.13
CA PRO A 285 23.91 33.98 34.35
C PRO A 285 24.57 35.37 34.49
N ARG A 286 24.42 36.02 35.65
CA ARG A 286 24.96 37.40 35.81
CA ARG A 286 24.97 37.39 35.89
C ARG A 286 26.48 37.40 35.64
N LYS A 287 27.17 36.34 36.00
CA LYS A 287 28.63 36.22 35.80
C LYS A 287 29.00 36.44 34.33
N LEU A 288 28.41 35.67 33.41
CA LEU A 288 28.65 35.82 31.95
C LEU A 288 28.20 37.21 31.49
N LEU A 289 27.01 37.65 31.89
CA LEU A 289 26.43 38.90 31.35
C LEU A 289 27.32 40.08 31.83
N ASN A 290 27.74 40.06 33.09
CA ASN A 290 28.65 41.07 33.69
C ASN A 290 29.99 41.09 32.94
N GLU A 291 30.60 39.94 32.66
CA GLU A 291 31.90 39.84 31.90
CA GLU A 291 31.91 39.91 31.93
C GLU A 291 31.74 40.56 30.54
N LEU A 292 30.57 40.45 29.92
CA LEU A 292 30.34 40.98 28.55
C LEU A 292 29.71 42.38 28.59
N GLY A 293 29.50 42.93 29.79
CA GLY A 293 28.85 44.24 29.99
C GLY A 293 27.43 44.26 29.48
N ILE A 294 26.73 43.14 29.54
CA ILE A 294 25.29 43.10 29.14
C ILE A 294 24.48 43.37 30.39
N PRO A 295 23.55 44.35 30.36
CA PRO A 295 22.70 44.63 31.52
C PRO A 295 21.81 43.43 31.81
N VAL A 296 21.76 43.05 33.08
CA VAL A 296 20.96 41.88 33.53
C VAL A 296 19.50 42.28 33.68
N ILE A 297 18.59 41.70 32.88
CA ILE A 297 17.11 41.81 33.03
C ILE A 297 16.60 40.70 33.97
N SER A 298 17.12 39.48 33.80
CA SER A 298 16.72 38.34 34.64
C SER A 298 17.93 37.43 34.81
N ASP A 299 18.41 37.36 36.06
CA ASP A 299 19.56 36.55 36.48
C ASP A 299 19.10 35.08 36.58
N LEU A 300 19.44 34.29 35.56
CA LEU A 300 18.99 32.88 35.41
C LEU A 300 20.21 32.04 35.05
N PRO A 301 20.92 31.47 36.06
CA PRO A 301 22.15 30.73 35.78
C PRO A 301 21.93 29.46 34.94
N GLY A 302 20.72 28.97 34.80
CA GLY A 302 20.42 27.82 33.93
C GLY A 302 20.54 28.09 32.43
N VAL A 303 20.52 29.34 31.98
CA VAL A 303 20.46 29.64 30.52
C VAL A 303 21.80 29.21 29.92
N GLY A 304 21.77 28.26 29.00
CA GLY A 304 22.98 27.74 28.33
C GLY A 304 23.63 26.60 29.11
N GLN A 305 23.12 26.28 30.29
CA GLN A 305 23.52 25.08 31.08
C GLN A 305 22.73 23.88 30.54
N ASN A 306 23.11 22.70 31.00
CA ASN A 306 22.31 21.47 30.88
C ASN A 306 22.18 20.99 29.42
N LEU A 307 23.09 21.41 28.54
CA LEU A 307 23.09 20.92 27.14
C LEU A 307 23.18 19.39 27.14
N GLN A 308 22.35 18.77 26.31
CA GLN A 308 22.34 17.33 26.08
C GLN A 308 22.17 17.04 24.58
N ASP A 309 22.73 15.91 24.17
CA ASP A 309 22.55 15.34 22.82
C ASP A 309 22.45 13.82 23.00
N GLN A 310 22.42 13.08 21.90
CA GLN A 310 22.33 11.59 21.95
C GLN A 310 23.49 11.11 21.12
N PRO A 311 24.62 10.83 21.79
CA PRO A 311 25.83 10.38 21.10
C PRO A 311 25.62 9.20 20.16
N THR A 312 26.47 9.11 19.14
CA THR A 312 26.36 8.04 18.14
C THR A 312 27.69 7.37 17.97
N LEU A 313 27.62 6.13 17.55
CA LEU A 313 28.82 5.32 17.21
C LEU A 313 28.55 4.58 15.92
N THR A 314 29.54 4.62 15.03
CA THR A 314 29.48 3.91 13.74
C THR A 314 30.52 2.79 13.79
N ILE A 315 30.06 1.57 13.71
CA ILE A 315 30.90 0.34 13.83
C ILE A 315 31.05 -0.22 12.42
N PRO A 316 32.28 -0.27 11.89
CA PRO A 316 32.52 -0.79 10.54
C PRO A 316 32.58 -2.32 10.49
N TYR A 317 32.06 -2.90 9.41
CA TYR A 317 32.00 -4.35 9.18
C TYR A 317 32.57 -4.70 7.80
N THR A 318 33.05 -5.93 7.68
CA THR A 318 33.23 -6.62 6.39
C THR A 318 32.41 -7.90 6.44
N PHE A 319 32.00 -8.36 5.27
CA PHE A 319 31.09 -9.52 5.10
C PHE A 319 31.73 -10.45 4.05
N THR A 320 31.68 -11.75 4.31
CA THR A 320 32.05 -12.76 3.30
C THR A 320 30.81 -13.13 2.48
N ASN A 321 29.60 -12.85 2.94
CA ASN A 321 28.41 -13.39 2.24
C ASN A 321 27.20 -12.48 2.43
N ASN A 322 27.38 -11.17 2.27
CA ASN A 322 26.24 -10.23 2.43
C ASN A 322 25.28 -10.47 1.27
N VAL A 323 23.98 -10.30 1.54
CA VAL A 323 22.88 -10.47 0.56
C VAL A 323 22.76 -9.21 -0.31
N PHE A 324 22.49 -9.44 -1.61
CA PHE A 324 22.09 -8.43 -2.63
C PHE A 324 20.58 -8.43 -2.80
N PRO A 325 19.92 -7.26 -2.99
CA PRO A 325 20.53 -5.95 -2.84
C PRO A 325 20.63 -5.54 -1.37
N ASN A 326 21.42 -4.50 -1.08
CA ASN A 326 21.52 -3.85 0.25
C ASN A 326 21.69 -2.34 0.02
N THR A 327 21.68 -1.54 1.09
CA THR A 327 21.81 -0.06 1.00
C THR A 327 23.07 0.30 0.19
N ASP A 328 24.16 -0.44 0.35
CA ASP A 328 25.43 -0.10 -0.35
C ASP A 328 25.34 -0.43 -1.83
N SER A 329 24.42 -1.30 -2.28
CA SER A 329 24.13 -1.49 -3.74
C SER A 329 23.81 -0.14 -4.40
N LEU A 330 23.11 0.78 -3.71
CA LEU A 330 22.81 2.15 -4.24
C LEU A 330 24.08 2.94 -4.56
N THR A 331 25.18 2.76 -3.82
CA THR A 331 26.45 3.54 -3.99
C THR A 331 27.41 2.82 -4.93
N THR A 332 27.43 1.49 -4.97
CA THR A 332 28.50 0.73 -5.65
C THR A 332 28.02 0.07 -6.95
N ASN A 333 26.69 0.06 -7.20
CA ASN A 333 26.09 -0.58 -8.39
C ASN A 333 25.25 0.46 -9.13
N ALA A 334 25.83 1.12 -10.13
CA ALA A 334 25.19 2.21 -10.93
C ALA A 334 23.90 1.69 -11.59
N THR A 335 23.89 0.46 -12.05
CA THR A 335 22.73 -0.21 -12.69
C THR A 335 21.60 -0.30 -11.65
N TYR A 336 21.87 -0.89 -10.50
CA TYR A 336 20.88 -1.03 -9.40
C TYR A 336 20.34 0.36 -9.08
N ASN A 337 21.24 1.33 -8.87
CA ASN A 337 20.84 2.70 -8.49
C ASN A 337 19.91 3.33 -9.55
N ALA A 338 20.29 3.29 -10.83
CA ALA A 338 19.45 3.75 -11.95
C ALA A 338 18.07 3.04 -11.97
N GLU A 339 18.03 1.72 -11.78
CA GLU A 339 16.77 0.93 -11.89
C GLU A 339 15.87 1.31 -10.71
N GLN A 340 16.45 1.46 -9.52
CA GLN A 340 15.66 1.85 -8.31
C GLN A 340 15.16 3.28 -8.50
N ARG A 341 15.95 4.22 -9.03
CA ARG A 341 15.47 5.61 -9.24
C ARG A 341 14.37 5.61 -10.30
N ALA A 342 14.55 4.85 -11.40
CA ALA A 342 13.54 4.76 -12.47
C ALA A 342 12.21 4.23 -11.87
N LEU A 343 12.33 3.17 -11.06
CA LEU A 343 11.18 2.52 -10.38
C LEU A 343 10.46 3.57 -9.53
N TYR A 344 11.19 4.34 -8.73
CA TYR A 344 10.62 5.40 -7.87
C TYR A 344 9.92 6.44 -8.76
N ASP A 345 10.59 6.90 -9.80
CA ASP A 345 10.08 7.96 -10.71
C ASP A 345 8.77 7.51 -11.40
N SER A 346 8.64 6.21 -11.71
CA SER A 346 7.49 5.61 -12.41
C SER A 346 6.34 5.34 -11.41
N SER A 347 6.53 4.37 -10.50
CA SER A 347 5.46 3.84 -9.62
C SER A 347 5.71 4.15 -8.13
N LYS A 348 6.71 4.95 -7.78
CA LYS A 348 7.03 5.37 -6.40
C LYS A 348 7.29 4.17 -5.48
N GLN A 349 7.85 3.08 -6.03
CA GLN A 349 8.20 1.83 -5.34
C GLN A 349 9.71 1.83 -5.07
N GLY A 350 10.11 1.06 -4.07
CA GLY A 350 11.46 0.49 -3.98
C GLY A 350 12.38 1.28 -3.05
N ALA A 351 13.70 1.17 -3.28
CA ALA A 351 14.71 1.53 -2.27
C ALA A 351 14.75 3.05 -2.04
N TYR A 352 14.26 3.87 -2.99
CA TYR A 352 14.28 5.34 -2.90
C TYR A 352 13.20 5.84 -1.94
N THR A 353 12.34 4.95 -1.43
CA THR A 353 11.36 5.35 -0.37
C THR A 353 11.98 5.27 1.03
N ILE A 354 13.18 4.71 1.13
CA ILE A 354 13.94 4.58 2.42
C ILE A 354 14.96 5.70 2.46
N VAL A 355 15.13 6.34 3.61
CA VAL A 355 16.13 7.44 3.72
C VAL A 355 17.50 6.82 3.43
N ASN A 356 18.25 7.45 2.53
CA ASN A 356 19.57 6.91 2.09
C ASN A 356 20.43 6.50 3.32
N SER A 357 20.95 5.28 3.28
CA SER A 357 21.88 4.66 4.27
C SER A 357 21.11 4.01 5.42
N LEU A 358 19.83 4.28 5.58
CA LEU A 358 19.03 3.64 6.64
C LEU A 358 18.45 2.32 6.12
N SER A 359 18.09 1.44 7.03
CA SER A 359 17.24 0.25 6.76
C SER A 359 15.86 0.60 7.33
N THR A 360 15.00 -0.39 7.53
CA THR A 360 13.56 -0.19 7.83
C THR A 360 13.22 -0.53 9.28
N ASN A 361 14.05 -1.30 9.98
CA ASN A 361 13.84 -1.73 11.39
C ASN A 361 14.96 -1.17 12.29
N ILE A 362 14.77 -1.29 13.59
CA ILE A 362 15.64 -0.67 14.62
C ILE A 362 15.30 -1.36 15.94
N GLY A 363 16.20 -1.22 16.90
CA GLY A 363 16.09 -1.84 18.22
C GLY A 363 16.37 -0.83 19.31
N VAL A 364 15.55 -0.79 20.35
CA VAL A 364 15.78 0.05 21.54
C VAL A 364 15.80 -0.89 22.74
N MET A 365 16.57 -0.55 23.76
CA MET A 365 16.72 -1.45 24.92
C MET A 365 16.94 -0.66 26.22
N SER A 366 16.33 -1.16 27.29
CA SER A 366 16.57 -0.71 28.67
C SER A 366 18.00 -1.05 29.10
N LEU A 367 18.43 -0.49 30.22
CA LEU A 367 19.74 -0.86 30.78
C LEU A 367 19.76 -2.34 31.15
N GLN A 368 18.74 -2.88 31.78
CA GLN A 368 18.76 -4.32 32.16
C GLN A 368 18.64 -5.22 30.93
N ARG A 369 18.06 -4.76 29.81
CA ARG A 369 17.99 -5.55 28.57
C ARG A 369 19.39 -5.54 27.94
N ALA A 370 20.13 -4.43 27.97
CA ALA A 370 21.49 -4.34 27.39
C ALA A 370 22.44 -5.20 28.23
N ALA A 371 22.32 -5.10 29.55
CA ALA A 371 23.34 -5.58 30.52
C ALA A 371 22.68 -6.40 31.61
N PRO A 372 22.06 -7.55 31.28
CA PRO A 372 21.27 -8.30 32.25
C PRO A 372 22.07 -8.81 33.45
N LYS A 373 23.37 -9.02 33.29
CA LYS A 373 24.23 -9.59 34.35
C LYS A 373 24.95 -8.49 35.13
N SER A 374 24.89 -7.22 34.72
CA SER A 374 25.71 -6.19 35.38
C SER A 374 24.98 -4.87 35.62
N TYR A 375 23.78 -4.65 35.09
CA TYR A 375 23.12 -3.33 35.19
C TYR A 375 23.07 -2.84 36.64
N ARG A 376 23.00 -3.72 37.64
CA ARG A 376 22.93 -3.27 39.05
CA ARG A 376 22.93 -3.30 39.06
C ARG A 376 24.27 -2.70 39.48
N GLN A 377 25.39 -3.15 38.89
CA GLN A 377 26.73 -2.59 39.17
C GLN A 377 26.84 -1.17 38.62
N ILE A 378 26.27 -0.94 37.45
CA ILE A 378 26.29 0.41 36.83
C ILE A 378 25.43 1.37 37.67
N ILE A 379 24.25 0.91 38.07
CA ILE A 379 23.31 1.68 38.92
C ILE A 379 24.01 2.03 40.24
N ALA A 380 24.70 1.06 40.86
CA ALA A 380 25.43 1.28 42.13
C ALA A 380 26.49 2.37 41.96
N ALA A 381 27.32 2.29 40.94
CA ALA A 381 28.32 3.34 40.64
C ALA A 381 27.65 4.70 40.49
N ALA A 382 26.55 4.77 39.73
CA ALA A 382 25.89 6.06 39.43
C ALA A 382 25.32 6.61 40.75
N ARG A 383 24.70 5.74 41.56
CA ARG A 383 24.07 6.11 42.85
CA ARG A 383 24.06 6.19 42.82
C ARG A 383 25.14 6.63 43.82
N ALA A 384 26.31 6.02 43.82
CA ALA A 384 27.41 6.30 44.77
C ALA A 384 27.96 7.72 44.54
N ARG A 385 28.08 8.13 43.26
CA ARG A 385 28.74 9.37 42.86
C ARG A 385 27.82 10.58 43.04
N SER A 386 28.30 11.58 43.77
CA SER A 386 27.60 12.88 43.93
CA SER A 386 27.65 12.90 43.94
C SER A 386 27.27 13.45 42.57
N ALA A 387 26.04 13.92 42.41
CA ALA A 387 25.61 14.61 41.16
C ALA A 387 26.61 15.74 40.80
N SER A 388 27.18 16.44 41.79
CA SER A 388 28.05 17.63 41.59
C SER A 388 29.31 17.29 40.79
N LEU A 389 29.82 16.06 40.89
CA LEU A 389 31.05 15.64 40.16
C LEU A 389 30.83 15.73 38.64
N SER A 390 29.60 15.70 38.14
CA SER A 390 29.35 15.73 36.67
C SER A 390 29.46 17.17 36.11
N LEU A 391 29.55 18.16 37.00
CA LEU A 391 29.61 19.58 36.61
C LEU A 391 30.92 20.18 37.13
N PRO A 392 31.44 21.25 36.49
CA PRO A 392 32.60 21.95 37.05
C PRO A 392 32.35 22.49 38.45
N PRO A 393 33.40 22.48 39.30
CA PRO A 393 33.30 23.11 40.61
C PRO A 393 32.95 24.58 40.37
N GLY A 394 32.12 25.14 41.23
CA GLY A 394 31.68 26.54 41.05
C GLY A 394 30.43 26.65 40.20
N THR A 395 29.93 25.54 39.62
CA THR A 395 28.60 25.54 38.96
C THR A 395 27.61 26.11 39.96
N ASP A 396 26.73 27.00 39.51
CA ASP A 396 25.69 27.58 40.36
C ASP A 396 24.99 26.48 41.15
N PRO A 397 24.76 26.66 42.48
CA PRO A 397 24.09 25.63 43.28
C PRO A 397 22.65 25.24 42.87
N ALA A 398 21.86 26.18 42.31
CA ALA A 398 20.53 25.90 41.75
C ALA A 398 20.65 24.94 40.56
N VAL A 399 21.64 25.15 39.71
CA VAL A 399 21.89 24.29 38.51
C VAL A 399 22.29 22.89 38.98
N ILE A 400 23.12 22.77 40.00
CA ILE A 400 23.52 21.45 40.60
C ILE A 400 22.28 20.77 41.15
N ARG A 401 21.42 21.49 41.88
CA ARG A 401 20.21 20.88 42.44
C ARG A 401 19.32 20.29 41.32
N GLY A 402 19.12 21.02 40.23
CA GLY A 402 18.27 20.56 39.11
C GLY A 402 18.90 19.36 38.42
N TYR A 403 20.21 19.38 38.25
CA TYR A 403 20.95 18.23 37.68
C TYR A 403 20.77 17.00 38.59
N GLN A 404 20.97 17.16 39.89
CA GLN A 404 20.70 16.05 40.85
C GLN A 404 19.28 15.50 40.71
N ALA A 405 18.26 16.37 40.56
CA ALA A 405 16.86 15.89 40.41
C ALA A 405 16.73 15.11 39.08
N GLN A 406 17.32 15.61 37.98
CA GLN A 406 17.30 14.90 36.68
C GLN A 406 17.98 13.53 36.87
N ARG A 407 19.14 13.55 37.51
CA ARG A 407 19.98 12.34 37.69
C ARG A 407 19.19 11.28 38.45
N ASN A 408 18.51 11.67 39.55
CA ASN A 408 17.70 10.72 40.35
C ASN A 408 16.58 10.15 39.46
N ALA A 409 15.93 10.96 38.63
CA ALA A 409 14.90 10.48 37.67
C ALA A 409 15.52 9.49 36.68
N ILE A 410 16.72 9.77 36.18
CA ILE A 410 17.38 8.87 35.17
C ILE A 410 17.82 7.55 35.84
N LEU A 411 18.30 7.57 37.06
CA LEU A 411 18.64 6.30 37.75
C LEU A 411 17.39 5.44 37.94
N LYS A 412 16.23 6.02 38.27
CA LYS A 412 14.98 5.23 38.28
C LYS A 412 14.75 4.66 36.87
N GLN A 413 15.03 5.43 35.82
CA GLN A 413 14.83 4.93 34.42
C GLN A 413 15.78 3.74 34.19
N PHE A 414 17.00 3.81 34.72
CA PHE A 414 18.00 2.73 34.62
C PHE A 414 17.47 1.44 35.23
N GLU A 415 16.63 1.54 36.28
CA GLU A 415 16.05 0.40 37.04
C GLU A 415 14.79 -0.11 36.32
N ASN A 416 14.22 0.70 35.43
CA ASN A 416 12.93 0.43 34.75
C ASN A 416 13.16 -0.46 33.53
N PRO A 417 12.54 -1.67 33.46
CA PRO A 417 12.69 -2.54 32.30
C PRO A 417 11.99 -1.95 31.07
N ASN A 418 11.07 -0.99 31.25
CA ASN A 418 10.31 -0.39 30.11
C ASN A 418 10.79 1.03 29.71
N VAL A 419 12.04 1.40 29.99
CA VAL A 419 12.56 2.70 29.49
C VAL A 419 13.85 2.44 28.71
N GLY A 420 13.92 2.92 27.47
CA GLY A 420 15.13 2.78 26.64
C GLY A 420 16.28 3.68 27.07
N VAL A 421 17.51 3.21 26.92
CA VAL A 421 18.77 3.98 27.15
C VAL A 421 19.67 3.89 25.92
N GLY A 422 19.35 3.04 24.93
CA GLY A 422 20.19 2.86 23.75
C GLY A 422 19.42 2.34 22.55
N THR A 423 19.93 2.62 21.37
CA THR A 423 19.37 2.24 20.08
C THR A 423 20.43 1.48 19.31
N VAL A 424 20.02 0.45 18.59
CA VAL A 424 20.88 -0.33 17.64
C VAL A 424 20.19 -0.32 16.27
N HIS A 425 21.00 -0.22 15.22
CA HIS A 425 20.52 -0.14 13.83
C HIS A 425 21.58 -0.77 12.94
N TRP A 426 21.13 -1.43 11.89
CA TRP A 426 22.04 -1.87 10.80
C TRP A 426 21.41 -1.46 9.47
N GLY A 427 22.11 -0.61 8.74
CA GLY A 427 21.64 -0.09 7.45
C GLY A 427 21.52 -1.15 6.36
N THR A 428 22.15 -2.32 6.54
CA THR A 428 22.22 -3.52 5.64
C THR A 428 23.54 -3.48 4.88
N GLY A 429 24.37 -2.47 5.11
CA GLY A 429 25.66 -2.25 4.44
C GLY A 429 26.84 -2.40 5.40
N SER A 430 27.86 -1.57 5.22
CA SER A 430 29.22 -1.75 5.80
C SER A 430 29.29 -1.23 7.23
N SER A 431 28.20 -0.76 7.82
CA SER A 431 28.32 -0.27 9.20
C SER A 431 27.00 -0.42 9.96
N ALA A 432 27.14 -0.54 11.28
CA ALA A 432 26.03 -0.49 12.24
C ALA A 432 26.13 0.80 13.05
N LEU A 433 25.02 1.18 13.67
CA LEU A 433 24.95 2.38 14.48
C LEU A 433 24.48 2.00 15.87
N VAL A 434 25.13 2.57 16.88
CA VAL A 434 24.70 2.43 18.29
C VAL A 434 24.56 3.85 18.88
N TYR A 435 23.38 4.19 19.35
CA TYR A 435 23.05 5.52 19.89
C TYR A 435 22.88 5.39 21.41
N HIS A 436 23.50 6.32 22.13
CA HIS A 436 23.37 6.46 23.59
C HIS A 436 22.27 7.48 23.84
N LEU A 437 21.10 7.02 24.31
CA LEU A 437 19.91 7.90 24.37
C LEU A 437 19.85 8.76 25.66
N LYS A 438 20.47 8.32 26.76
CA LYS A 438 20.24 8.93 28.09
C LYS A 438 21.58 9.19 28.77
N PRO A 439 22.42 10.06 28.16
CA PRO A 439 23.64 10.47 28.86
C PRO A 439 23.35 11.21 30.16
N LEU A 440 24.21 10.93 31.14
CA LEU A 440 24.28 11.67 32.42
C LEU A 440 25.20 12.89 32.26
N SER A 441 26.05 12.93 31.24
CA SER A 441 26.91 14.10 30.99
C SER A 441 26.04 15.31 30.62
N ARG A 442 26.48 16.50 31.02
CA ARG A 442 25.86 17.80 30.65
C ARG A 442 26.92 18.76 30.11
N GLY A 443 26.53 19.49 29.06
CA GLY A 443 27.40 20.50 28.44
C GLY A 443 26.90 21.93 28.62
N THR A 444 27.46 22.81 27.80
CA THR A 444 27.16 24.26 27.85
C THR A 444 27.10 24.86 26.44
N VAL A 445 26.29 25.91 26.31
CA VAL A 445 26.33 26.80 25.12
C VAL A 445 26.20 28.24 25.61
N ASN A 446 27.29 28.99 25.48
CA ASN A 446 27.41 30.38 26.00
C ASN A 446 27.90 31.31 24.89
N ILE A 447 27.31 32.49 24.79
CA ILE A 447 27.84 33.55 23.91
C ILE A 447 29.26 33.92 24.35
N ARG A 448 30.10 34.25 23.37
CA ARG A 448 31.52 34.67 23.53
CA ARG A 448 31.52 34.67 23.53
C ARG A 448 31.64 36.20 23.42
N SER A 449 30.57 36.87 22.98
CA SER A 449 30.63 38.32 22.69
C SER A 449 29.22 38.87 22.64
N THR A 450 29.11 40.18 22.46
CA THR A 450 27.82 40.89 22.27
C THR A 450 27.44 40.91 20.79
N ASN A 451 28.31 40.41 19.91
CA ASN A 451 28.05 40.45 18.45
C ASN A 451 27.08 39.33 18.08
N PRO A 452 25.86 39.65 17.60
CA PRO A 452 24.85 38.60 17.29
C PRO A 452 25.24 37.67 16.13
N LEU A 453 26.27 38.01 15.37
CA LEU A 453 26.77 37.15 14.28
C LEU A 453 27.80 36.12 14.77
N ASP A 454 28.29 36.25 16.02
CA ASP A 454 29.36 35.39 16.57
C ASP A 454 28.72 34.08 17.01
N ALA A 455 29.30 32.98 16.56
CA ALA A 455 28.93 31.63 17.07
C ALA A 455 29.07 31.64 18.61
N PRO A 456 28.19 30.91 19.35
CA PRO A 456 28.43 30.67 20.77
C PRO A 456 29.50 29.57 20.97
N GLU A 457 30.07 29.52 22.17
CA GLU A 457 30.96 28.44 22.59
C GLU A 457 30.07 27.23 22.89
N ILE A 458 30.32 26.14 22.19
CA ILE A 458 29.53 24.88 22.29
C ILE A 458 30.42 23.77 22.85
N ASP A 459 30.14 23.38 24.09
CA ASP A 459 30.90 22.32 24.79
C ASP A 459 29.96 21.17 25.19
N TYR A 460 29.89 20.12 24.39
CA TYR A 460 29.03 18.93 24.64
C TYR A 460 29.38 18.27 25.98
N ARG A 461 30.66 18.22 26.34
CA ARG A 461 31.15 17.52 27.58
C ARG A 461 30.74 16.04 27.51
N THR A 462 30.69 15.48 26.31
CA THR A 462 30.38 14.05 26.08
C THR A 462 31.36 13.21 26.90
N GLY A 463 30.85 12.20 27.60
CA GLY A 463 31.73 11.21 28.24
C GLY A 463 32.50 11.82 29.41
N THR A 464 32.11 12.99 29.90
CA THR A 464 32.72 13.60 31.11
C THR A 464 32.21 12.87 32.36
N ASP A 465 30.94 12.44 32.35
CA ASP A 465 30.38 11.59 33.43
C ASP A 465 30.83 10.17 33.12
N PRO A 466 31.69 9.54 33.96
CA PRO A 466 32.24 8.21 33.65
C PRO A 466 31.19 7.09 33.53
N ILE A 467 30.01 7.24 34.12
CA ILE A 467 28.91 6.27 34.00
C ILE A 467 28.51 6.07 32.52
N ASP A 468 28.54 7.15 31.73
CA ASP A 468 28.14 7.10 30.30
C ASP A 468 28.94 6.00 29.56
N ALA A 469 30.24 5.94 29.78
CA ALA A 469 31.10 4.91 29.16
C ALA A 469 30.65 3.49 29.57
N GLN A 470 30.20 3.28 30.82
CA GLN A 470 29.74 1.92 31.26
C GLN A 470 28.45 1.55 30.49
N VAL A 471 27.50 2.48 30.39
CA VAL A 471 26.24 2.23 29.64
C VAL A 471 26.62 1.97 28.17
N TYR A 472 27.42 2.83 27.59
CA TYR A 472 27.69 2.77 26.13
C TYR A 472 28.45 1.48 25.78
N THR A 473 29.34 1.03 26.67
CA THR A 473 30.11 -0.22 26.46
C THR A 473 29.12 -1.38 26.44
N SER A 474 28.13 -1.38 27.32
CA SER A 474 27.11 -2.44 27.36
CA SER A 474 27.12 -2.45 27.35
C SER A 474 26.30 -2.44 26.05
N LEU A 475 25.97 -1.24 25.51
CA LEU A 475 25.22 -1.13 24.24
C LEU A 475 26.04 -1.70 23.09
N PHE A 476 27.32 -1.40 23.07
CA PHE A 476 28.26 -1.97 22.07
C PHE A 476 28.22 -3.50 22.14
N ARG A 477 28.30 -4.07 23.34
CA ARG A 477 28.34 -5.55 23.51
C ARG A 477 27.03 -6.18 23.02
N LYS A 478 25.89 -5.52 23.24
CA LYS A 478 24.61 -6.07 22.73
C LYS A 478 24.62 -6.06 21.19
N ASN A 479 25.10 -4.99 20.56
CA ASN A 479 25.21 -4.93 19.09
C ASN A 479 26.06 -6.12 18.63
N ARG A 480 27.14 -6.39 19.34
CA ARG A 480 28.05 -7.51 19.00
C ARG A 480 27.29 -8.84 19.09
N GLU A 481 26.40 -9.02 20.08
CA GLU A 481 25.53 -10.21 20.19
C GLU A 481 24.68 -10.35 18.92
N ILE A 482 24.10 -9.27 18.40
CA ILE A 482 23.21 -9.32 17.19
C ILE A 482 24.04 -9.90 16.05
N PHE A 483 25.22 -9.33 15.81
CA PHE A 483 26.09 -9.68 14.65
C PHE A 483 26.62 -11.13 14.77
N ASN A 484 26.75 -11.66 15.99
CA ASN A 484 27.25 -13.03 16.24
C ASN A 484 26.08 -14.05 16.27
N ALA A 485 24.82 -13.63 16.21
CA ALA A 485 23.67 -14.56 16.27
C ALA A 485 23.58 -15.34 14.95
N PRO A 486 23.00 -16.57 15.00
CA PRO A 486 22.93 -17.45 13.85
C PRO A 486 22.32 -16.82 12.59
N SER A 487 21.28 -16.00 12.73
CA SER A 487 20.64 -15.36 11.55
C SER A 487 21.60 -14.39 10.85
N MET A 488 22.54 -13.75 11.56
CA MET A 488 23.51 -12.83 10.93
C MET A 488 24.79 -13.58 10.52
N ARG A 489 25.18 -14.64 11.23
CA ARG A 489 26.43 -15.39 10.92
CA ARG A 489 26.38 -15.48 10.95
C ARG A 489 26.35 -15.93 9.47
N VAL A 490 25.19 -16.26 8.95
CA VAL A 490 25.03 -16.74 7.55
C VAL A 490 25.55 -15.66 6.56
N LEU A 491 25.56 -14.36 6.90
CA LEU A 491 26.08 -13.30 5.99
C LEU A 491 27.60 -13.12 6.15
N GLY A 492 28.20 -13.80 7.14
CA GLY A 492 29.64 -13.76 7.42
C GLY A 492 30.17 -12.39 7.81
N PRO A 493 29.54 -11.69 8.79
CA PRO A 493 30.06 -10.41 9.30
C PRO A 493 31.30 -10.57 10.19
N SER A 494 32.18 -9.59 10.11
CA SER A 494 33.27 -9.38 11.09
CA SER A 494 33.35 -9.38 11.01
C SER A 494 33.49 -7.88 11.28
N GLU A 495 33.64 -7.47 12.54
CA GLU A 495 34.03 -6.07 12.85
C GLU A 495 35.34 -5.75 12.14
N ALA A 496 35.47 -4.56 11.57
CA ALA A 496 36.67 -4.10 10.87
C ALA A 496 37.45 -3.20 11.83
N ALA A 497 38.75 -3.05 11.60
CA ALA A 497 39.59 -2.09 12.33
C ALA A 497 38.93 -0.72 12.19
N PRO A 498 38.92 0.14 13.25
CA PRO A 498 39.63 -0.12 14.51
C PRO A 498 38.87 -0.92 15.60
N PHE A 499 37.69 -1.44 15.27
CA PHE A 499 37.03 -2.47 16.10
C PHE A 499 37.61 -3.84 15.73
N GLY A 500 36.99 -4.94 16.14
CA GLY A 500 37.55 -6.28 15.91
C GLY A 500 37.22 -7.23 17.03
N ALA A 501 36.96 -8.49 16.67
CA ALA A 501 36.67 -9.59 17.60
C ALA A 501 37.82 -9.71 18.63
N ASN A 502 39.04 -9.29 18.29
CA ASN A 502 40.23 -9.35 19.18
C ASN A 502 40.16 -8.26 20.28
N LEU A 503 39.21 -7.32 20.22
CA LEU A 503 38.92 -6.40 21.36
C LEU A 503 37.86 -7.08 22.23
N THR A 504 38.24 -7.63 23.38
CA THR A 504 37.35 -8.46 24.26
C THR A 504 37.10 -7.79 25.61
N THR A 505 37.98 -6.91 26.11
CA THR A 505 37.77 -6.26 27.43
C THR A 505 37.03 -4.92 27.28
N ASP A 506 36.34 -4.50 28.33
CA ASP A 506 35.69 -3.17 28.39
C ASP A 506 36.73 -2.11 28.04
N GLU A 507 37.94 -2.24 28.57
CA GLU A 507 38.98 -1.19 28.40
C GLU A 507 39.39 -1.10 26.91
N GLU A 508 39.61 -2.25 26.25
CA GLU A 508 40.05 -2.31 24.84
C GLU A 508 38.96 -1.69 23.95
N ILE A 509 37.71 -2.05 24.21
CA ILE A 509 36.53 -1.60 23.43
C ILE A 509 36.36 -0.09 23.65
N TYR A 510 36.30 0.36 24.91
CA TYR A 510 36.00 1.78 25.22
C TYR A 510 37.14 2.69 24.72
N ALA A 511 38.38 2.19 24.66
CA ALA A 511 39.52 3.02 24.17
C ALA A 511 39.24 3.44 22.72
N VAL A 512 38.73 2.51 21.91
CA VAL A 512 38.34 2.79 20.50
C VAL A 512 37.07 3.66 20.48
N MET A 513 36.09 3.38 21.33
CA MET A 513 34.83 4.17 21.33
C MET A 513 35.13 5.64 21.69
N ARG A 514 36.06 5.91 22.61
CA ARG A 514 36.50 7.27 23.00
C ARG A 514 37.01 8.06 21.78
N GLU A 515 37.67 7.38 20.85
CA GLU A 515 38.21 8.01 19.62
C GLU A 515 37.12 8.13 18.54
N LEU A 516 36.03 7.34 18.55
CA LEU A 516 35.07 7.30 17.40
CA LEU A 516 35.06 7.29 17.42
C LEU A 516 33.70 7.92 17.78
N ILE A 517 33.32 7.94 19.04
CA ILE A 517 31.96 8.47 19.40
C ILE A 517 31.81 9.88 18.82
N ASN A 518 30.63 10.14 18.24
CA ASN A 518 30.18 11.49 17.88
C ASN A 518 29.35 12.01 19.06
N PRO A 519 29.67 13.20 19.62
CA PRO A 519 28.88 13.82 20.68
C PRO A 519 27.41 13.98 20.34
N SER A 520 27.05 14.06 19.04
CA SER A 520 25.78 14.65 18.63
C SER A 520 25.17 13.89 17.45
N ASN A 521 23.86 13.72 17.51
CA ASN A 521 23.02 13.31 16.35
C ASN A 521 22.15 14.50 15.95
N ALA A 522 22.61 15.72 16.23
CA ALA A 522 21.88 16.99 16.03
C ALA A 522 20.58 16.95 16.84
N HIS A 523 20.64 16.35 18.03
CA HIS A 523 19.49 16.27 18.96
C HIS A 523 19.72 17.25 20.13
N GLN A 524 20.31 18.42 19.90
CA GLN A 524 20.67 19.34 20.98
C GLN A 524 19.39 19.80 21.70
N CYS A 525 19.39 19.76 23.02
CA CYS A 525 18.22 20.12 23.84
C CYS A 525 18.68 20.73 25.17
N CYS A 526 17.68 21.20 25.91
CA CYS A 526 17.65 21.21 27.39
C CYS A 526 18.43 22.39 27.95
N THR A 527 18.76 23.38 27.11
CA THR A 527 19.57 24.56 27.45
C THR A 527 18.75 25.73 28.01
N ALA A 528 17.42 25.60 28.09
CA ALA A 528 16.53 26.58 28.75
C ALA A 528 15.46 25.81 29.51
N ALA A 529 15.92 24.99 30.46
CA ALA A 529 15.18 23.84 30.95
C ALA A 529 13.91 24.30 31.66
N MET A 530 12.87 23.52 31.47
CA MET A 530 11.62 23.61 32.23
C MET A 530 11.80 22.88 33.58
N MET A 531 12.33 23.60 34.56
CA MET A 531 12.44 23.16 35.98
C MET A 531 12.18 24.38 36.86
N PRO A 532 11.83 24.18 38.16
CA PRO A 532 11.72 25.30 39.09
C PRO A 532 12.98 26.16 39.05
N LYS A 533 12.81 27.49 39.18
CA LYS A 533 13.94 28.43 39.20
C LYS A 533 14.97 28.01 40.25
N ASP A 534 14.56 27.54 41.43
CA ASP A 534 15.55 27.15 42.48
C ASP A 534 16.23 25.81 42.14
N MET A 535 15.84 25.16 41.03
CA MET A 535 16.55 23.98 40.50
CA MET A 535 16.53 23.97 40.49
C MET A 535 17.33 24.36 39.23
N GLY A 536 17.55 25.64 38.99
CA GLY A 536 18.36 26.09 37.84
C GLY A 536 17.54 26.11 36.56
N GLY A 537 16.22 26.11 36.68
CA GLY A 537 15.28 26.19 35.55
C GLY A 537 15.27 27.58 34.93
N VAL A 538 14.89 27.64 33.66
CA VAL A 538 14.76 28.90 32.87
C VAL A 538 13.30 29.20 32.63
N VAL A 539 12.43 28.18 32.54
CA VAL A 539 11.00 28.38 32.24
C VAL A 539 10.17 27.60 33.24
N SER A 540 8.98 28.13 33.47
CA SER A 540 7.93 27.50 34.29
C SER A 540 7.28 26.32 33.54
N SER A 541 6.28 25.70 34.16
CA SER A 541 5.50 24.59 33.59
C SER A 541 4.66 25.08 32.39
N GLU A 542 4.39 26.39 32.31
CA GLU A 542 3.71 27.03 31.15
C GLU A 542 4.73 27.59 30.14
N GLN A 543 6.03 27.32 30.32
CA GLN A 543 7.16 27.62 29.38
C GLN A 543 7.44 29.13 29.38
N LYS A 544 6.99 29.84 30.43
CA LYS A 544 7.27 31.27 30.67
C LYS A 544 8.66 31.42 31.30
N VAL A 545 9.47 32.27 30.68
CA VAL A 545 10.85 32.61 31.15
C VAL A 545 10.73 33.32 32.51
N TYR A 546 11.47 32.84 33.50
CA TYR A 546 11.41 33.41 34.86
C TYR A 546 11.83 34.89 34.85
N GLY A 547 11.10 35.73 35.58
CA GLY A 547 11.54 37.11 35.86
C GLY A 547 11.11 38.08 34.78
N VAL A 548 10.41 37.60 33.76
CA VAL A 548 9.88 38.47 32.66
C VAL A 548 8.49 37.99 32.26
N GLN A 549 7.71 38.92 31.72
CA GLN A 549 6.34 38.68 31.22
C GLN A 549 6.36 38.69 29.68
N GLY A 550 5.46 37.93 29.06
CA GLY A 550 5.21 37.87 27.63
C GLY A 550 6.35 37.19 26.87
N LEU A 551 7.10 36.28 27.51
CA LEU A 551 8.24 35.58 26.84
C LEU A 551 8.22 34.08 27.19
N ARG A 552 8.16 33.24 26.15
CA ARG A 552 8.12 31.77 26.31
C ARG A 552 9.19 31.11 25.45
N VAL A 553 9.55 29.87 25.81
CA VAL A 553 10.43 28.99 25.01
C VAL A 553 9.59 27.81 24.53
N ALA A 554 9.52 27.62 23.22
CA ALA A 554 8.74 26.55 22.56
C ALA A 554 9.65 25.42 22.04
N ASP A 555 10.87 25.73 21.66
CA ASP A 555 11.77 24.73 21.05
C ASP A 555 12.33 23.81 22.16
N ILE A 556 13.02 22.74 21.78
CA ILE A 556 13.36 21.65 22.74
C ILE A 556 14.49 22.10 23.69
N SER A 557 14.95 23.36 23.64
CA SER A 557 15.67 24.02 24.75
C SER A 557 14.92 23.80 26.07
N PHE A 558 13.59 23.76 26.07
CA PHE A 558 12.83 23.68 27.33
C PHE A 558 12.89 22.30 27.98
N TRP A 559 13.25 21.23 27.25
CA TRP A 559 13.23 19.85 27.83
C TRP A 559 14.20 19.73 29.00
N PRO A 560 13.79 19.12 30.14
CA PRO A 560 14.71 18.79 31.22
C PRO A 560 15.82 17.85 30.77
N PHE A 561 15.46 16.76 30.12
CA PHE A 561 16.46 15.79 29.63
C PHE A 561 15.92 14.99 28.45
N GLN A 562 16.86 14.30 27.79
CA GLN A 562 16.63 13.51 26.55
C GLN A 562 15.62 12.38 26.75
N LEU A 563 14.92 12.06 25.66
CA LEU A 563 13.88 10.99 25.65
C LEU A 563 14.50 9.61 25.41
N SER A 564 13.71 8.58 25.67
CA SER A 564 13.90 7.24 25.07
C SER A 564 13.45 7.33 23.60
N GLY A 565 14.32 7.88 22.75
CA GLY A 565 14.11 8.06 21.30
C GLY A 565 14.54 9.44 20.84
N SER A 566 14.44 9.64 19.54
CA SER A 566 14.79 10.93 18.89
CA SER A 566 14.76 10.91 18.83
C SER A 566 13.68 11.97 19.09
N PRO A 567 14.05 13.26 19.07
CA PRO A 567 13.17 14.33 19.54
C PRO A 567 12.01 14.75 18.63
N MET A 568 12.03 14.44 17.33
CA MET A 568 11.13 15.15 16.36
C MET A 568 9.65 15.00 16.75
N ALA A 569 9.15 13.79 16.97
CA ALA A 569 7.70 13.59 17.24
C ALA A 569 7.30 14.47 18.44
N THR A 570 8.12 14.52 19.49
CA THR A 570 7.83 15.31 20.70
C THR A 570 7.98 16.83 20.42
N ALA A 571 8.90 17.25 19.56
CA ALA A 571 9.01 18.67 19.17
C ALA A 571 7.67 19.12 18.55
N TYR A 572 7.04 18.30 17.70
CA TYR A 572 5.73 18.66 17.12
C TYR A 572 4.69 18.68 18.25
N ALA A 573 4.59 17.60 19.04
CA ALA A 573 3.46 17.44 20.00
C ALA A 573 3.58 18.53 21.08
N GLY A 574 4.80 18.84 21.54
CA GLY A 574 5.06 19.85 22.59
C GLY A 574 4.62 21.25 22.13
N ALA A 575 4.81 21.52 20.84
CA ALA A 575 4.34 22.79 20.22
C ALA A 575 2.82 22.77 20.13
N GLU A 576 2.19 21.63 19.78
CA GLU A 576 0.70 21.50 19.73
C GLU A 576 0.16 21.84 21.12
N ARG A 577 0.79 21.29 22.17
CA ARG A 577 0.38 21.49 23.57
C ARG A 577 0.50 22.97 23.96
N LEU A 578 1.65 23.60 23.67
CA LEU A 578 1.89 25.03 23.97
C LEU A 578 0.89 25.93 23.22
N ALA A 579 0.52 25.62 21.98
CA ALA A 579 -0.45 26.44 21.21
C ALA A 579 -1.74 26.55 22.05
N ASP A 580 -2.19 25.43 22.61
CA ASP A 580 -3.46 25.43 23.40
C ASP A 580 -3.26 26.23 24.69
N VAL A 581 -2.11 26.14 25.35
CA VAL A 581 -1.79 26.87 26.62
C VAL A 581 -1.89 28.38 26.34
N ILE A 582 -1.26 28.84 25.25
CA ILE A 582 -1.27 30.28 24.84
C ILE A 582 -2.69 30.71 24.49
N LYS A 583 -3.40 29.95 23.66
CA LYS A 583 -4.81 30.24 23.29
C LYS A 583 -5.63 30.41 24.57
N LYS A 584 -5.39 29.58 25.59
CA LYS A 584 -6.21 29.62 26.84
C LYS A 584 -5.94 30.92 27.59
N GLU A 585 -4.68 31.28 27.82
CA GLU A 585 -4.33 32.49 28.59
C GLU A 585 -4.92 33.72 27.90
N HIS A 586 -4.82 33.81 26.57
CA HIS A 586 -5.12 35.03 25.79
C HIS A 586 -6.54 34.96 25.20
N ARG A 587 -7.30 33.91 25.49
CA ARG A 587 -8.74 33.78 25.13
C ARG A 587 -8.89 33.83 23.60
N LEU A 588 -8.01 33.14 22.86
CA LEU A 588 -8.00 33.07 21.37
C LEU A 588 -8.90 31.92 20.88
N ALA A 589 -9.27 31.91 19.58
CA ALA A 589 -10.08 30.84 18.94
C ALA A 589 -9.19 29.72 18.39
N ASN B 5 -27.37 -39.90 1.50
CA ASN B 5 -28.51 -38.91 1.39
C ASN B 5 -28.05 -37.52 1.87
N TYR B 6 -28.43 -36.49 1.11
CA TYR B 6 -28.03 -35.08 1.23
C TYR B 6 -29.25 -34.19 1.02
N THR B 7 -29.20 -32.95 1.47
CA THR B 7 -30.28 -31.95 1.23
C THR B 7 -30.18 -31.49 -0.23
N PHE B 8 -28.97 -31.16 -0.69
CA PHE B 8 -28.72 -30.70 -2.08
C PHE B 8 -27.51 -31.45 -2.63
N ILE B 9 -27.58 -31.77 -3.91
CA ILE B 9 -26.41 -32.23 -4.69
C ILE B 9 -26.15 -31.16 -5.74
N ILE B 10 -24.89 -30.71 -5.80
CA ILE B 10 -24.42 -29.74 -6.80
C ILE B 10 -23.45 -30.43 -7.75
N ALA B 11 -23.80 -30.44 -9.05
CA ALA B 11 -22.98 -31.02 -10.12
C ALA B 11 -22.03 -29.91 -10.63
N GLY B 12 -20.78 -29.96 -10.21
CA GLY B 12 -19.75 -28.97 -10.59
C GLY B 12 -19.32 -28.11 -9.42
N GLY B 13 -18.03 -28.15 -9.10
CA GLY B 13 -17.41 -27.40 -8.01
C GLY B 13 -16.60 -26.23 -8.55
N GLY B 14 -17.19 -25.46 -9.45
CA GLY B 14 -16.58 -24.23 -9.99
C GLY B 14 -17.04 -23.00 -9.24
N ILE B 15 -17.02 -21.84 -9.91
CA ILE B 15 -17.32 -20.56 -9.23
C ILE B 15 -18.74 -20.66 -8.69
N SER B 16 -19.69 -21.00 -9.56
CA SER B 16 -21.14 -21.00 -9.21
C SER B 16 -21.42 -22.06 -8.14
N GLY B 17 -20.88 -23.26 -8.35
CA GLY B 17 -21.08 -24.46 -7.51
C GLY B 17 -20.61 -24.20 -6.09
N LEU B 18 -19.40 -23.73 -5.91
CA LEU B 18 -18.80 -23.55 -4.56
C LEU B 18 -19.48 -22.36 -3.88
N THR B 19 -19.80 -21.30 -4.61
CA THR B 19 -20.46 -20.13 -4.01
C THR B 19 -21.77 -20.64 -3.40
N LEU B 20 -22.58 -21.33 -4.19
CA LEU B 20 -23.91 -21.81 -3.75
C LEU B 20 -23.72 -22.77 -2.56
N ALA B 21 -22.77 -23.69 -2.62
CA ALA B 21 -22.56 -24.73 -1.55
C ALA B 21 -22.19 -24.04 -0.23
N ASP B 22 -21.27 -23.10 -0.29
CA ASP B 22 -20.88 -22.27 0.88
C ASP B 22 -22.15 -21.66 1.49
N ARG B 23 -22.91 -20.88 0.73
CA ARG B 23 -24.06 -20.16 1.29
C ARG B 23 -25.07 -21.17 1.87
N LEU B 24 -25.42 -22.23 1.16
CA LEU B 24 -26.46 -23.21 1.59
C LEU B 24 -26.06 -23.83 2.94
N THR B 25 -24.77 -24.07 3.16
CA THR B 25 -24.23 -24.78 4.35
C THR B 25 -24.05 -23.82 5.52
N GLU B 26 -24.42 -22.54 5.35
CA GLU B 26 -24.52 -21.57 6.46
C GLU B 26 -25.55 -22.09 7.47
N ASP B 27 -26.55 -22.84 7.01
CA ASP B 27 -27.55 -23.52 7.89
C ASP B 27 -26.98 -24.88 8.23
N PRO B 28 -26.60 -25.18 9.50
CA PRO B 28 -26.02 -26.48 9.85
C PRO B 28 -26.96 -27.68 9.64
N ARG B 29 -28.26 -27.44 9.42
CA ARG B 29 -29.27 -28.47 9.14
C ARG B 29 -29.24 -28.86 7.67
N VAL B 30 -28.53 -28.09 6.81
CA VAL B 30 -28.53 -28.30 5.34
C VAL B 30 -27.23 -28.99 4.97
N THR B 31 -27.32 -30.17 4.36
CA THR B 31 -26.14 -30.94 3.92
C THR B 31 -26.03 -30.78 2.41
N VAL B 32 -24.81 -30.58 1.93
CA VAL B 32 -24.58 -30.40 0.48
C VAL B 32 -23.45 -31.31 0.08
N LEU B 33 -23.63 -32.01 -1.03
CA LEU B 33 -22.54 -32.71 -1.71
C LEU B 33 -22.28 -31.97 -3.01
N VAL B 34 -21.04 -31.52 -3.17
CA VAL B 34 -20.53 -31.00 -4.47
C VAL B 34 -19.74 -32.12 -5.10
N ILE B 35 -20.09 -32.50 -6.32
CA ILE B 35 -19.35 -33.50 -7.12
C ILE B 35 -18.64 -32.71 -8.21
N GLU B 36 -17.33 -32.82 -8.26
CA GLU B 36 -16.51 -31.97 -9.14
C GLU B 36 -15.61 -32.86 -9.99
N ALA B 37 -15.60 -32.62 -11.29
CA ALA B 37 -14.87 -33.42 -12.30
C ALA B 37 -13.36 -33.47 -11.98
N GLY B 38 -12.78 -32.34 -11.63
CA GLY B 38 -11.35 -32.18 -11.46
C GLY B 38 -10.93 -32.46 -10.01
N PRO B 39 -9.61 -32.49 -9.77
CA PRO B 39 -9.07 -32.64 -8.40
C PRO B 39 -8.98 -31.30 -7.66
N LEU B 40 -8.55 -31.33 -6.39
CA LEU B 40 -8.10 -30.12 -5.66
C LEU B 40 -6.77 -29.70 -6.26
N ASP B 41 -6.59 -28.40 -6.55
CA ASP B 41 -5.23 -27.89 -6.87
C ASP B 41 -4.32 -28.11 -5.65
N ARG B 42 -3.03 -28.16 -5.88
CA ARG B 42 -2.01 -28.46 -4.82
C ARG B 42 -1.37 -27.19 -4.25
N GLY B 43 -1.95 -26.02 -4.50
CA GLY B 43 -1.39 -24.72 -4.10
C GLY B 43 -0.05 -24.43 -4.81
N GLU B 44 0.15 -24.97 -5.99
CA GLU B 44 1.42 -24.76 -6.73
C GLU B 44 1.51 -23.28 -7.18
N ASP B 45 2.72 -22.82 -7.48
CA ASP B 45 2.97 -21.40 -7.82
C ASP B 45 2.17 -21.03 -9.06
N GLY B 46 2.07 -21.94 -10.04
CA GLY B 46 1.30 -21.73 -11.29
C GLY B 46 -0.14 -21.29 -11.04
N ILE B 47 -0.69 -21.65 -9.88
CA ILE B 47 -2.08 -21.27 -9.48
C ILE B 47 -2.00 -20.02 -8.58
N LEU B 48 -1.21 -20.05 -7.52
CA LEU B 48 -1.34 -19.02 -6.46
C LEU B 48 -0.62 -17.73 -6.84
N VAL B 49 0.52 -17.79 -7.52
CA VAL B 49 1.40 -16.60 -7.73
C VAL B 49 1.08 -15.99 -9.09
N PRO B 50 0.62 -14.71 -9.13
CA PRO B 50 0.20 -14.11 -10.40
C PRO B 50 1.30 -14.26 -11.46
N GLY B 51 2.55 -13.98 -11.12
CA GLY B 51 3.66 -13.98 -12.10
C GLY B 51 4.03 -15.36 -12.61
N ALA B 52 3.61 -16.43 -11.92
CA ALA B 52 3.88 -17.85 -12.29
C ALA B 52 2.71 -18.47 -13.09
N PHE B 53 1.68 -17.65 -13.40
CA PHE B 53 0.40 -18.07 -14.04
C PHE B 53 0.60 -19.21 -15.06
N SER B 54 -0.02 -20.38 -14.82
CA SER B 54 0.11 -21.63 -15.59
C SER B 54 -1.28 -22.24 -15.77
N PRO B 55 -2.20 -21.62 -16.56
CA PRO B 55 -3.62 -22.02 -16.58
C PRO B 55 -3.83 -23.44 -17.18
N TRP B 56 -2.91 -23.89 -18.03
CA TRP B 56 -2.92 -25.21 -18.73
C TRP B 56 -2.90 -26.40 -17.75
N LEU B 57 -2.41 -26.20 -16.51
CA LEU B 57 -2.38 -27.23 -15.45
C LEU B 57 -3.73 -27.95 -15.24
N TYR B 58 -4.87 -27.31 -15.50
CA TYR B 58 -6.21 -27.89 -15.19
C TYR B 58 -7.19 -27.67 -16.35
N PHE B 59 -6.69 -27.56 -17.57
CA PHE B 59 -7.59 -27.52 -18.73
C PHE B 59 -8.27 -28.87 -18.87
N TRP B 60 -9.56 -28.83 -19.16
CA TRP B 60 -10.34 -30.04 -19.51
C TRP B 60 -9.70 -30.69 -20.76
N PRO B 61 -9.29 -31.98 -20.72
CA PRO B 61 -8.59 -32.56 -21.86
C PRO B 61 -9.54 -33.01 -22.99
N GLY B 62 -9.01 -33.04 -24.20
CA GLY B 62 -9.66 -33.71 -25.36
C GLY B 62 -10.91 -32.98 -25.88
N LEU B 63 -11.00 -31.66 -25.70
CA LEU B 63 -12.06 -30.80 -26.31
C LEU B 63 -11.47 -30.02 -27.49
N VAL B 64 -12.03 -30.25 -28.66
CA VAL B 64 -11.74 -29.51 -29.91
C VAL B 64 -13.05 -29.07 -30.54
N SER B 65 -13.07 -27.92 -31.21
CA SER B 65 -14.26 -27.44 -31.92
C SER B 65 -14.48 -28.27 -33.19
N THR B 66 -15.67 -28.16 -33.72
CA THR B 66 -15.94 -28.43 -35.16
C THR B 66 -15.14 -27.44 -36.00
N PRO B 67 -14.92 -27.73 -37.29
CA PRO B 67 -14.41 -26.74 -38.23
C PRO B 67 -15.32 -25.51 -38.17
N GLN B 68 -14.71 -24.31 -38.07
CA GLN B 68 -15.44 -23.04 -37.85
C GLN B 68 -15.70 -22.37 -39.20
N ALA B 69 -16.96 -22.43 -39.64
CA ALA B 69 -17.39 -21.97 -40.97
C ALA B 69 -17.05 -20.49 -41.15
N GLY B 70 -17.12 -19.69 -40.08
CA GLY B 70 -16.84 -18.24 -40.08
C GLY B 70 -15.34 -17.92 -39.97
N LEU B 71 -14.48 -18.90 -39.73
CA LEU B 71 -13.02 -18.69 -39.51
C LEU B 71 -12.23 -19.63 -40.42
N ASN B 72 -12.55 -19.66 -41.71
CA ASN B 72 -11.83 -20.43 -42.75
C ASN B 72 -11.85 -21.92 -42.41
N ASN B 73 -12.92 -22.40 -41.76
CA ASN B 73 -13.05 -23.82 -41.35
C ASN B 73 -11.98 -24.27 -40.36
N ARG B 74 -11.31 -23.36 -39.68
CA ARG B 74 -10.32 -23.75 -38.66
C ARG B 74 -11.00 -24.53 -37.53
N THR B 75 -10.29 -25.51 -36.97
CA THR B 75 -10.64 -26.18 -35.69
C THR B 75 -9.74 -25.60 -34.60
N VAL B 76 -10.25 -25.40 -33.40
CA VAL B 76 -9.45 -24.85 -32.28
C VAL B 76 -9.60 -25.77 -31.09
N ASP B 77 -8.56 -25.90 -30.27
CA ASP B 77 -8.67 -26.50 -28.93
C ASP B 77 -9.65 -25.65 -28.10
N VAL B 78 -10.54 -26.33 -27.41
CA VAL B 78 -11.52 -25.72 -26.47
C VAL B 78 -10.89 -25.71 -25.09
N ILE B 79 -10.92 -24.54 -24.47
CA ILE B 79 -10.36 -24.27 -23.13
C ILE B 79 -11.52 -24.11 -22.16
N THR B 80 -11.52 -24.94 -21.12
CA THR B 80 -12.43 -24.78 -19.95
C THR B 80 -11.78 -25.49 -18.74
N ALA B 81 -12.14 -25.10 -17.55
CA ALA B 81 -11.48 -25.61 -16.32
C ALA B 81 -11.98 -27.02 -15.98
N GLN B 82 -11.11 -27.82 -15.39
CA GLN B 82 -11.43 -29.12 -14.78
C GLN B 82 -10.70 -29.20 -13.43
N VAL B 83 -11.28 -28.62 -12.38
CA VAL B 83 -10.56 -28.38 -11.11
C VAL B 83 -11.55 -27.81 -10.10
N VAL B 84 -11.40 -28.20 -8.85
CA VAL B 84 -12.16 -27.53 -7.77
C VAL B 84 -11.85 -26.04 -7.89
N GLY B 85 -12.88 -25.19 -7.85
CA GLY B 85 -12.74 -23.75 -8.11
C GLY B 85 -13.04 -23.40 -9.58
N GLY B 86 -13.11 -24.40 -10.48
CA GLY B 86 -13.38 -24.21 -11.90
C GLY B 86 -12.58 -23.05 -12.49
N GLY B 87 -13.24 -22.19 -13.28
CA GLY B 87 -12.54 -21.14 -14.03
C GLY B 87 -11.73 -20.23 -13.09
N SER B 88 -12.19 -19.96 -11.87
CA SER B 88 -11.45 -19.06 -10.92
C SER B 88 -10.05 -19.58 -10.58
N THR B 89 -9.86 -20.90 -10.62
CA THR B 89 -8.59 -21.55 -10.26
C THR B 89 -7.53 -21.25 -11.32
N ILE B 90 -7.92 -21.14 -12.59
CA ILE B 90 -6.90 -21.02 -13.67
C ILE B 90 -7.12 -19.79 -14.57
N ASN B 91 -8.00 -18.85 -14.20
CA ASN B 91 -8.26 -17.69 -15.07
C ASN B 91 -7.22 -16.59 -14.81
N ALA B 92 -7.27 -15.51 -15.58
CA ALA B 92 -6.29 -14.39 -15.50
C ALA B 92 -6.70 -13.40 -14.40
N MET B 93 -7.65 -13.80 -13.52
CA MET B 93 -8.05 -13.07 -12.28
C MET B 93 -8.68 -11.69 -12.61
N VAL B 94 -9.09 -11.45 -13.84
CA VAL B 94 -9.74 -10.18 -14.24
C VAL B 94 -11.13 -10.18 -13.62
N TYR B 95 -11.41 -9.18 -12.81
CA TYR B 95 -12.64 -9.12 -11.98
C TYR B 95 -13.38 -7.84 -12.33
N LEU B 96 -14.39 -7.94 -13.20
CA LEU B 96 -15.16 -6.78 -13.72
C LEU B 96 -16.63 -7.15 -13.78
N ARG B 97 -17.49 -6.22 -13.33
CA ARG B 97 -18.95 -6.38 -13.55
C ARG B 97 -19.31 -5.99 -14.98
N GLY B 98 -20.48 -6.44 -15.45
CA GLY B 98 -21.10 -5.93 -16.69
C GLY B 98 -21.59 -4.50 -16.56
N ASP B 99 -22.26 -3.99 -17.59
CA ASP B 99 -22.86 -2.64 -17.56
C ASP B 99 -24.32 -2.79 -17.10
N LYS B 100 -24.91 -1.70 -16.62
CA LYS B 100 -26.26 -1.75 -16.02
C LYS B 100 -27.20 -2.44 -17.01
N ASP B 101 -27.17 -2.01 -18.28
CA ASP B 101 -28.19 -2.45 -19.24
C ASP B 101 -28.08 -3.96 -19.48
N ASP B 102 -26.91 -4.61 -19.28
CA ASP B 102 -26.82 -6.09 -19.38
C ASP B 102 -27.92 -6.74 -18.54
N TYR B 103 -27.94 -6.41 -17.25
CA TYR B 103 -28.84 -7.03 -16.24
C TYR B 103 -30.25 -6.53 -16.51
N ASP B 104 -30.42 -5.24 -16.80
CA ASP B 104 -31.75 -4.67 -17.17
C ASP B 104 -32.32 -5.40 -18.40
N SER B 105 -31.48 -5.75 -19.38
CA SER B 105 -31.90 -6.44 -20.63
C SER B 105 -32.33 -7.86 -20.26
N TRP B 106 -31.58 -8.54 -19.37
CA TRP B 106 -31.92 -9.92 -18.96
C TRP B 106 -33.35 -9.89 -18.38
N GLY B 107 -33.66 -8.87 -17.59
CA GLY B 107 -34.99 -8.69 -16.98
C GLY B 107 -36.04 -8.47 -18.05
N ALA B 108 -35.73 -7.67 -19.06
CA ALA B 108 -36.66 -7.25 -20.13
C ALA B 108 -36.95 -8.43 -21.06
N LEU B 109 -36.12 -9.51 -21.04
CA LEU B 109 -36.33 -10.72 -21.89
C LEU B 109 -37.47 -11.60 -21.34
N GLY B 110 -38.06 -11.25 -20.21
CA GLY B 110 -39.17 -11.96 -19.53
C GLY B 110 -38.75 -12.59 -18.21
N ASN B 111 -37.84 -11.95 -17.47
CA ASN B 111 -37.25 -12.49 -16.23
C ASN B 111 -37.45 -11.53 -15.08
N PRO B 112 -38.61 -11.60 -14.39
CA PRO B 112 -38.87 -10.75 -13.23
C PRO B 112 -37.76 -10.89 -12.18
N GLY B 113 -37.37 -9.78 -11.57
CA GLY B 113 -36.39 -9.72 -10.45
C GLY B 113 -34.96 -9.53 -10.93
N TRP B 114 -34.76 -9.26 -12.22
CA TRP B 114 -33.42 -9.12 -12.84
C TRP B 114 -33.24 -7.68 -13.34
N SER B 115 -32.26 -6.98 -12.78
CA SER B 115 -31.89 -5.60 -13.13
C SER B 115 -30.52 -5.29 -12.53
N TRP B 116 -29.92 -4.17 -12.90
CA TRP B 116 -28.72 -3.69 -12.19
C TRP B 116 -29.04 -3.50 -10.69
N ASN B 117 -30.16 -2.84 -10.38
CA ASN B 117 -30.49 -2.55 -8.97
C ASN B 117 -30.64 -3.85 -8.15
N SER B 118 -31.20 -4.91 -8.70
CA SER B 118 -31.38 -6.18 -7.98
C SER B 118 -30.04 -6.89 -7.81
N MET B 119 -29.15 -6.79 -8.81
CA MET B 119 -27.83 -7.43 -8.74
C MET B 119 -26.89 -6.68 -7.77
N LEU B 120 -26.95 -5.35 -7.70
CA LEU B 120 -25.93 -4.56 -6.98
C LEU B 120 -25.71 -5.08 -5.56
N PRO B 121 -26.75 -5.33 -4.73
CA PRO B 121 -26.52 -5.90 -3.40
C PRO B 121 -25.72 -7.23 -3.37
N TYR B 122 -25.85 -8.06 -4.40
CA TYR B 122 -25.17 -9.37 -4.53
C TYR B 122 -23.72 -9.14 -5.01
N PHE B 123 -23.47 -8.14 -5.88
CA PHE B 123 -22.09 -7.74 -6.23
C PHE B 123 -21.38 -7.32 -4.93
N ILE B 124 -22.05 -6.48 -4.11
CA ILE B 124 -21.46 -5.96 -2.84
C ILE B 124 -21.26 -7.11 -1.85
N LYS B 125 -22.26 -7.98 -1.68
CA LYS B 125 -22.18 -9.13 -0.74
C LYS B 125 -21.03 -10.09 -1.12
N SER B 126 -20.71 -10.18 -2.41
CA SER B 126 -19.82 -11.24 -2.95
C SER B 126 -18.39 -11.07 -2.46
N GLU B 127 -18.00 -9.86 -2.06
CA GLU B 127 -16.59 -9.43 -2.20
C GLU B 127 -16.09 -8.56 -1.03
N THR B 128 -14.77 -8.51 -0.93
CA THR B 128 -13.99 -7.50 -0.17
C THR B 128 -12.93 -6.89 -1.06
N PHE B 129 -13.10 -5.60 -1.35
CA PHE B 129 -12.09 -4.78 -2.07
C PHE B 129 -11.05 -4.28 -1.07
N THR B 130 -9.77 -4.46 -1.35
CA THR B 130 -8.69 -3.87 -0.55
C THR B 130 -8.03 -2.80 -1.39
N PRO B 131 -8.09 -1.52 -0.98
CA PRO B 131 -7.48 -0.45 -1.76
C PRO B 131 -5.98 -0.62 -1.94
N PRO B 132 -5.45 -0.12 -3.07
CA PRO B 132 -4.02 -0.08 -3.31
C PRO B 132 -3.39 0.97 -2.40
N SER B 133 -2.07 1.00 -2.33
CA SER B 133 -1.35 2.04 -1.59
C SER B 133 -1.62 3.40 -2.24
N PRO B 134 -1.65 4.50 -1.46
CA PRO B 134 -1.94 5.83 -2.01
C PRO B 134 -0.90 6.28 -3.05
N GLU B 135 0.36 5.88 -2.89
CA GLU B 135 1.41 6.28 -3.86
C GLU B 135 1.19 5.56 -5.21
N LEU B 136 0.82 4.29 -5.17
CA LEU B 136 0.47 3.56 -6.43
C LEU B 136 -0.82 4.12 -7.03
N ALA B 137 -1.84 4.47 -6.25
CA ALA B 137 -3.06 5.04 -6.82
C ALA B 137 -2.75 6.36 -7.54
N ALA B 138 -1.94 7.21 -6.95
CA ALA B 138 -1.58 8.52 -7.52
C ALA B 138 -0.71 8.31 -8.77
N ALA B 139 0.33 7.51 -8.68
CA ALA B 139 1.30 7.31 -9.79
C ALA B 139 0.61 6.57 -10.96
N GLY B 140 -0.27 5.60 -10.63
CA GLY B 140 -0.92 4.71 -11.60
C GLY B 140 -2.18 5.26 -12.25
N ASN B 141 -2.82 6.30 -11.68
CA ASN B 141 -4.19 6.76 -12.01
C ASN B 141 -5.19 5.66 -11.65
N ILE B 142 -4.99 5.02 -10.51
CA ILE B 142 -5.97 4.03 -9.97
C ILE B 142 -7.06 4.82 -9.25
N THR B 143 -8.30 4.61 -9.68
CA THR B 143 -9.49 5.24 -9.03
C THR B 143 -10.55 4.19 -8.81
N TRP B 144 -11.47 4.47 -7.89
CA TRP B 144 -12.61 3.60 -7.58
C TRP B 144 -13.62 4.43 -6.80
N ASP B 145 -14.78 3.86 -6.66
CA ASP B 145 -15.89 4.41 -5.86
C ASP B 145 -16.13 3.39 -4.74
N GLY B 146 -15.61 3.68 -3.55
CA GLY B 146 -15.72 2.79 -2.38
C GLY B 146 -17.18 2.43 -2.08
N SER B 147 -18.09 3.32 -2.42
CA SER B 147 -19.53 3.19 -2.09
C SER B 147 -20.16 2.01 -2.87
N ILE B 148 -19.58 1.55 -3.97
CA ILE B 148 -20.21 0.42 -4.73
C ILE B 148 -19.29 -0.79 -4.80
N ARG B 149 -18.22 -0.83 -4.01
CA ARG B 149 -17.38 -2.03 -3.86
C ARG B 149 -17.56 -2.65 -2.48
N GLY B 150 -17.68 -3.97 -2.46
CA GLY B 150 -17.92 -4.76 -1.23
C GLY B 150 -16.76 -4.65 -0.24
N ARG B 151 -17.04 -4.63 1.06
CA ARG B 151 -15.99 -4.55 2.12
C ARG B 151 -15.99 -5.79 3.05
N SER B 152 -16.98 -6.70 2.96
CA SER B 152 -17.16 -7.76 3.97
C SER B 152 -17.27 -9.19 3.39
N GLY B 153 -17.37 -9.34 2.08
CA GLY B 153 -17.68 -10.62 1.42
C GLY B 153 -16.44 -11.42 1.09
N PRO B 154 -16.64 -12.70 0.71
CA PRO B 154 -15.56 -13.68 0.67
C PRO B 154 -14.52 -13.47 -0.42
N VAL B 155 -14.93 -13.00 -1.59
CA VAL B 155 -13.96 -12.86 -2.73
C VAL B 155 -13.06 -11.66 -2.42
N ASN B 156 -11.76 -11.88 -2.21
CA ASN B 156 -10.80 -10.76 -2.03
C ASN B 156 -10.43 -10.26 -3.44
N TYR B 157 -10.43 -8.96 -3.62
CA TYR B 157 -9.89 -8.37 -4.85
C TYR B 157 -9.24 -7.04 -4.54
N SER B 158 -8.28 -6.71 -5.38
CA SER B 158 -7.43 -5.53 -5.23
C SER B 158 -6.76 -5.25 -6.59
N TYR B 159 -5.53 -4.79 -6.56
CA TYR B 159 -4.67 -4.58 -7.73
C TYR B 159 -3.28 -5.11 -7.45
N PRO B 160 -2.51 -5.39 -8.52
CA PRO B 160 -1.08 -5.58 -8.36
C PRO B 160 -0.49 -4.35 -7.65
N ASN B 161 0.69 -4.50 -7.08
CA ASN B 161 1.38 -3.40 -6.35
C ASN B 161 2.52 -2.80 -7.19
N TYR B 162 2.45 -2.96 -8.49
CA TYR B 162 3.50 -2.56 -9.43
C TYR B 162 2.86 -2.35 -10.81
N PHE B 163 3.40 -1.46 -11.65
CA PHE B 163 3.04 -1.41 -13.08
C PHE B 163 4.33 -1.29 -13.90
N PHE B 164 4.36 -1.94 -15.04
CA PHE B 164 5.46 -1.76 -16.04
C PHE B 164 5.35 -0.35 -16.61
N PRO B 165 6.50 0.32 -16.83
CA PRO B 165 6.50 1.73 -17.21
C PRO B 165 5.79 1.98 -18.53
N GLY B 166 5.80 1.01 -19.46
CA GLY B 166 5.12 1.12 -20.77
C GLY B 166 3.60 1.30 -20.63
N SER B 167 3.03 0.83 -19.53
CA SER B 167 1.58 1.00 -19.25
C SER B 167 1.20 2.48 -19.22
N GLU B 168 2.12 3.37 -18.80
CA GLU B 168 1.94 4.84 -18.81
C GLU B 168 1.74 5.37 -20.25
N ASN B 169 2.68 5.01 -21.15
CA ASN B 169 2.59 5.35 -22.59
C ASN B 169 1.22 4.94 -23.14
N TRP B 170 0.77 3.73 -22.80
CA TRP B 170 -0.46 3.16 -23.36
C TRP B 170 -1.68 3.94 -22.82
N TRP B 171 -1.65 4.28 -21.55
CA TRP B 171 -2.75 5.03 -20.89
C TRP B 171 -2.92 6.39 -21.58
N ASN B 172 -1.82 7.13 -21.72
CA ASN B 172 -1.81 8.47 -22.34
C ASN B 172 -2.26 8.37 -23.81
N ALA B 173 -1.76 7.38 -24.57
CA ALA B 173 -2.17 7.14 -25.98
C ALA B 173 -3.68 6.85 -26.04
N ALA B 174 -4.23 6.00 -25.19
CA ALA B 174 -5.67 5.68 -25.15
C ALA B 174 -6.45 6.99 -24.89
N ASN B 175 -5.99 7.83 -23.96
CA ASN B 175 -6.65 9.13 -23.68
C ASN B 175 -6.63 10.03 -24.93
N GLU B 176 -5.51 10.03 -25.68
CA GLU B 176 -5.29 10.90 -26.86
C GLU B 176 -6.24 10.49 -27.98
N VAL B 177 -6.81 9.27 -27.94
CA VAL B 177 -7.71 8.81 -29.03
C VAL B 177 -9.09 8.48 -28.46
N GLY B 178 -9.51 9.24 -27.44
CA GLY B 178 -10.92 9.31 -27.01
C GLY B 178 -11.34 8.16 -26.10
N LEU B 179 -10.38 7.53 -25.40
CA LEU B 179 -10.63 6.54 -24.32
C LEU B 179 -10.19 7.18 -23.01
N PRO B 180 -11.10 7.91 -22.33
CA PRO B 180 -10.69 8.66 -21.14
C PRO B 180 -10.62 7.79 -19.89
N PRO B 181 -10.06 8.30 -18.77
CA PRO B 181 -10.08 7.57 -17.52
C PRO B 181 -11.50 7.37 -16.98
N VAL B 182 -11.78 6.14 -16.59
CA VAL B 182 -13.07 5.73 -15.99
C VAL B 182 -12.92 5.78 -14.47
N LYS B 183 -13.81 6.50 -13.78
CA LYS B 183 -13.75 6.65 -12.29
C LYS B 183 -13.80 5.26 -11.64
N ASP B 184 -14.77 4.46 -12.03
CA ASP B 184 -14.87 3.07 -11.52
C ASP B 184 -15.60 2.18 -12.53
N PRO B 185 -14.91 1.19 -13.16
CA PRO B 185 -15.59 0.30 -14.11
C PRO B 185 -16.58 -0.70 -13.47
N MET B 186 -16.64 -0.74 -12.13
CA MET B 186 -17.58 -1.56 -11.34
C MET B 186 -18.89 -0.79 -11.09
N ALA B 187 -19.04 0.45 -11.56
CA ALA B 187 -20.22 1.31 -11.27
C ALA B 187 -21.33 1.18 -12.34
N GLY B 188 -21.22 0.21 -13.24
CA GLY B 188 -22.17 -0.17 -14.29
C GLY B 188 -21.97 0.56 -15.62
N SER B 189 -20.83 1.24 -15.81
CA SER B 189 -20.35 1.77 -17.11
C SER B 189 -18.82 1.76 -17.07
N LYS B 190 -18.17 1.68 -18.22
CA LYS B 190 -16.70 1.49 -18.26
C LYS B 190 -16.16 2.04 -19.59
N GLN B 191 -16.58 3.23 -19.96
CA GLN B 191 -16.26 3.85 -21.27
C GLN B 191 -14.91 4.54 -21.18
N GLY B 192 -13.85 3.82 -21.51
CA GLY B 192 -12.47 4.33 -21.55
C GLY B 192 -11.52 3.37 -20.85
N VAL B 193 -10.52 3.91 -20.16
CA VAL B 193 -9.40 3.13 -19.58
C VAL B 193 -9.48 3.17 -18.05
N PHE B 194 -8.98 2.12 -17.45
CA PHE B 194 -9.01 1.91 -15.99
C PHE B 194 -8.06 0.79 -15.66
N TRP B 195 -7.64 0.77 -14.41
CA TRP B 195 -6.94 -0.39 -13.83
C TRP B 195 -7.86 -1.62 -13.83
N ILE B 196 -7.29 -2.74 -14.20
CA ILE B 196 -7.95 -4.07 -14.09
C ILE B 196 -8.09 -4.45 -12.62
N PRO B 197 -9.29 -4.49 -12.02
CA PRO B 197 -9.39 -5.13 -10.70
C PRO B 197 -9.03 -6.63 -10.82
N SER B 198 -8.27 -7.14 -9.85
CA SER B 198 -7.68 -8.49 -9.84
C SER B 198 -8.14 -9.26 -8.61
N ALA B 199 -8.60 -10.50 -8.78
CA ALA B 199 -9.08 -11.42 -7.72
C ALA B 199 -7.89 -12.00 -6.92
N ILE B 200 -7.14 -11.09 -6.31
CA ILE B 200 -5.93 -11.36 -5.51
C ILE B 200 -6.20 -10.95 -4.06
N ASP B 201 -5.67 -11.74 -3.14
CA ASP B 201 -5.64 -11.45 -1.70
C ASP B 201 -4.37 -10.62 -1.46
N ALA B 202 -4.56 -9.35 -1.15
CA ALA B 202 -3.47 -8.34 -1.04
C ALA B 202 -2.56 -8.69 0.14
N ARG B 203 -3.00 -9.48 1.12
CA ARG B 203 -2.13 -9.82 2.28
C ARG B 203 -1.00 -10.75 1.86
N THR B 204 -1.28 -11.71 0.98
CA THR B 204 -0.28 -12.71 0.52
C THR B 204 0.10 -12.47 -0.95
N MET B 205 -0.57 -11.57 -1.65
CA MET B 205 -0.47 -11.38 -3.11
CA MET B 205 -0.43 -11.38 -3.11
C MET B 205 -0.59 -12.75 -3.79
N THR B 206 -1.67 -13.44 -3.47
CA THR B 206 -2.00 -14.74 -4.10
C THR B 206 -3.43 -14.72 -4.63
N ARG B 207 -3.71 -15.58 -5.59
CA ARG B 207 -5.06 -15.78 -6.16
C ARG B 207 -6.10 -16.00 -5.07
N SER B 208 -7.22 -15.29 -5.13
CA SER B 208 -8.41 -15.58 -4.29
C SER B 208 -9.44 -16.34 -5.14
N HIS B 209 -9.19 -17.62 -5.39
CA HIS B 209 -10.12 -18.45 -6.22
C HIS B 209 -11.22 -19.04 -5.33
N ALA B 210 -12.26 -19.57 -5.96
CA ALA B 210 -13.47 -20.06 -5.27
C ALA B 210 -13.09 -21.27 -4.39
N ARG B 211 -12.07 -22.06 -4.76
CA ARG B 211 -11.51 -23.14 -3.91
C ARG B 211 -11.17 -22.58 -2.53
N ARG B 212 -10.60 -21.38 -2.46
CA ARG B 212 -10.19 -20.74 -1.19
C ARG B 212 -11.37 -20.00 -0.56
N ASN B 213 -11.99 -19.08 -1.30
CA ASN B 213 -12.93 -18.08 -0.72
C ASN B 213 -14.33 -18.68 -0.48
N HIS B 214 -14.67 -19.82 -1.07
CA HIS B 214 -16.00 -20.47 -0.92
C HIS B 214 -15.90 -21.95 -0.56
N TYR B 215 -14.71 -22.51 -0.36
CA TYR B 215 -14.54 -23.85 0.22
C TYR B 215 -13.57 -23.83 1.40
N ASP B 216 -12.27 -23.64 1.16
CA ASP B 216 -11.27 -23.70 2.25
C ASP B 216 -11.73 -22.86 3.44
N ARG B 217 -12.22 -21.63 3.17
CA ARG B 217 -12.67 -20.64 4.17
C ARG B 217 -13.69 -21.27 5.13
N VAL B 218 -14.48 -22.25 4.67
CA VAL B 218 -15.62 -22.77 5.47
C VAL B 218 -15.53 -24.29 5.58
N SER B 219 -14.36 -24.87 5.28
CA SER B 219 -14.13 -26.33 5.18
C SER B 219 -14.16 -27.03 6.55
N SER B 220 -14.29 -26.28 7.67
CA SER B 220 -14.50 -26.85 9.02
C SER B 220 -15.94 -27.39 9.13
N ARG B 221 -16.87 -26.95 8.26
CA ARG B 221 -18.30 -27.35 8.30
C ARG B 221 -18.45 -28.82 7.92
N PRO B 222 -18.99 -29.70 8.81
CA PRO B 222 -19.19 -31.11 8.46
C PRO B 222 -20.34 -31.37 7.47
N ASN B 223 -21.20 -30.38 7.26
CA ASN B 223 -22.38 -30.45 6.37
C ASN B 223 -22.00 -30.05 4.93
N TYR B 224 -20.78 -29.56 4.70
CA TYR B 224 -20.29 -29.15 3.37
C TYR B 224 -19.35 -30.23 2.85
N HIS B 225 -19.86 -31.12 2.02
CA HIS B 225 -19.10 -32.27 1.47
C HIS B 225 -18.65 -31.96 0.06
N ILE B 226 -17.47 -32.46 -0.30
CA ILE B 226 -16.92 -32.34 -1.67
CA ILE B 226 -16.95 -32.36 -1.69
C ILE B 226 -16.38 -33.71 -2.10
N LEU B 227 -16.62 -34.05 -3.36
CA LEU B 227 -16.10 -35.28 -3.99
C LEU B 227 -15.44 -34.80 -5.26
N PRO B 228 -14.12 -34.56 -5.20
CA PRO B 228 -13.32 -34.27 -6.40
C PRO B 228 -13.15 -35.51 -7.30
N SER B 229 -12.76 -35.28 -8.53
CA SER B 229 -12.34 -36.31 -9.52
C SER B 229 -13.49 -37.26 -9.89
N HIS B 230 -14.75 -36.79 -9.81
CA HIS B 230 -15.96 -37.55 -10.22
C HIS B 230 -16.84 -36.67 -11.13
N LEU B 231 -17.48 -37.31 -12.12
CA LEU B 231 -18.40 -36.71 -13.12
C LEU B 231 -19.83 -37.06 -12.75
N VAL B 232 -20.71 -36.08 -12.67
CA VAL B 232 -22.16 -36.37 -12.74
C VAL B 232 -22.48 -36.79 -14.18
N SER B 233 -22.96 -38.02 -14.35
CA SER B 233 -23.27 -38.70 -15.64
C SER B 233 -24.78 -38.60 -15.97
N LYS B 234 -25.62 -38.38 -14.97
CA LYS B 234 -27.09 -38.42 -15.20
C LYS B 234 -27.82 -37.88 -13.98
N ILE B 235 -28.96 -37.24 -14.23
CA ILE B 235 -29.96 -36.86 -13.22
C ILE B 235 -30.94 -38.03 -13.09
N LEU B 236 -31.28 -38.36 -11.84
CA LEU B 236 -32.26 -39.38 -11.46
C LEU B 236 -33.59 -38.72 -11.12
N PHE B 237 -34.65 -39.35 -11.59
CA PHE B 237 -36.02 -38.81 -11.46
C PHE B 237 -36.95 -39.84 -10.81
N ARG B 238 -37.93 -39.33 -10.07
CA ARG B 238 -39.20 -40.02 -9.77
C ARG B 238 -40.27 -39.22 -10.50
N GLY B 239 -40.77 -39.76 -11.61
CA GLY B 239 -41.67 -39.00 -12.50
C GLY B 239 -40.95 -37.79 -13.03
N LYS B 240 -41.47 -36.60 -12.77
CA LYS B 240 -40.84 -35.33 -13.21
C LYS B 240 -39.99 -34.71 -12.10
N GLN B 241 -39.82 -35.37 -10.96
CA GLN B 241 -39.02 -34.83 -9.82
C GLN B 241 -37.57 -35.31 -9.92
N ALA B 242 -36.61 -34.38 -9.93
CA ALA B 242 -35.16 -34.70 -9.80
C ALA B 242 -34.89 -35.10 -8.36
N ILE B 243 -34.39 -36.32 -8.15
CA ILE B 243 -34.23 -36.89 -6.79
C ILE B 243 -32.77 -37.18 -6.47
N GLY B 244 -31.91 -37.22 -7.48
CA GLY B 244 -30.54 -37.72 -7.32
C GLY B 244 -29.77 -37.58 -8.60
N VAL B 245 -28.55 -38.09 -8.56
CA VAL B 245 -27.62 -38.16 -9.69
C VAL B 245 -26.90 -39.50 -9.64
N SER B 246 -26.45 -39.92 -10.80
CA SER B 246 -25.38 -40.92 -11.00
C SER B 246 -24.05 -40.19 -11.20
N TYR B 247 -22.99 -40.75 -10.62
CA TYR B 247 -21.62 -40.26 -10.85
C TYR B 247 -20.68 -41.43 -11.11
N ILE B 248 -19.64 -41.11 -11.85
CA ILE B 248 -18.57 -42.05 -12.32
C ILE B 248 -17.22 -41.41 -12.03
N PRO B 249 -16.13 -42.19 -11.95
CA PRO B 249 -14.81 -41.57 -11.86
C PRO B 249 -14.45 -40.85 -13.17
N THR B 250 -13.90 -39.63 -13.06
CA THR B 250 -13.46 -38.82 -14.22
C THR B 250 -12.42 -39.62 -15.04
N SER B 251 -11.60 -40.43 -14.38
CA SER B 251 -10.51 -41.17 -15.06
C SER B 251 -11.05 -42.38 -15.85
N GLY B 252 -12.36 -42.66 -15.84
CA GLY B 252 -12.98 -43.55 -16.83
C GLY B 252 -13.11 -45.01 -16.38
N GLY B 253 -12.93 -45.30 -15.08
CA GLY B 253 -13.19 -46.62 -14.47
C GLY B 253 -14.66 -47.03 -14.56
N ASN B 254 -14.91 -48.31 -14.82
CA ASN B 254 -16.27 -48.87 -15.05
C ASN B 254 -16.99 -49.01 -13.71
N THR B 255 -17.30 -47.89 -13.09
CA THR B 255 -18.07 -47.80 -11.83
C THR B 255 -19.10 -46.69 -12.02
N THR B 256 -20.26 -46.88 -11.42
CA THR B 256 -21.32 -45.86 -11.37
CA THR B 256 -21.31 -45.84 -11.36
C THR B 256 -21.97 -45.96 -9.99
N THR B 257 -22.35 -44.82 -9.44
CA THR B 257 -22.92 -44.73 -8.10
C THR B 257 -24.09 -43.76 -8.15
N ASN B 258 -25.15 -44.07 -7.40
CA ASN B 258 -26.31 -43.16 -7.27
C ASN B 258 -26.27 -42.55 -5.88
N VAL B 259 -26.52 -41.24 -5.80
CA VAL B 259 -26.73 -40.49 -4.54
C VAL B 259 -27.97 -39.64 -4.72
N TYR B 260 -28.67 -39.38 -3.63
CA TYR B 260 -30.01 -38.77 -3.62
C TYR B 260 -30.01 -37.51 -2.76
N ALA B 261 -30.85 -36.55 -3.16
CA ALA B 261 -31.07 -35.26 -2.50
C ALA B 261 -32.53 -35.16 -2.04
N SER B 262 -32.76 -34.71 -0.82
CA SER B 262 -34.12 -34.55 -0.25
C SER B 262 -34.81 -33.31 -0.83
N LYS B 263 -34.05 -32.27 -1.22
CA LYS B 263 -34.64 -30.97 -1.68
C LYS B 263 -34.38 -30.78 -3.18
N GLU B 264 -33.14 -30.61 -3.63
CA GLU B 264 -32.93 -30.25 -5.05
C GLU B 264 -31.59 -30.75 -5.56
N ILE B 265 -31.54 -30.88 -6.87
CA ILE B 265 -30.31 -31.06 -7.67
C ILE B 265 -29.98 -29.69 -8.29
N THR B 266 -28.74 -29.24 -8.18
CA THR B 266 -28.29 -27.99 -8.82
C THR B 266 -27.23 -28.31 -9.87
N LEU B 267 -27.43 -27.92 -11.12
CA LEU B 267 -26.36 -28.07 -12.15
C LEU B 267 -25.49 -26.81 -12.11
N ALA B 268 -24.16 -27.01 -12.01
CA ALA B 268 -23.14 -25.94 -11.97
C ALA B 268 -21.94 -26.39 -12.80
N ALA B 269 -22.19 -27.12 -13.87
CA ALA B 269 -21.12 -27.80 -14.63
C ALA B 269 -20.62 -26.97 -15.81
N GLY B 270 -21.08 -25.72 -15.90
CA GLY B 270 -20.53 -24.73 -16.84
C GLY B 270 -21.17 -24.79 -18.21
N GLY B 271 -20.85 -23.79 -19.05
CA GLY B 271 -21.43 -23.65 -20.40
C GLY B 271 -21.32 -24.92 -21.23
N LEU B 272 -20.19 -25.64 -21.12
CA LEU B 272 -19.90 -26.86 -21.93
C LEU B 272 -20.19 -28.15 -21.14
N GLY B 273 -20.64 -28.08 -19.88
CA GLY B 273 -20.90 -29.27 -19.04
C GLY B 273 -22.37 -29.43 -18.68
N THR B 274 -23.06 -28.36 -18.35
CA THR B 274 -24.48 -28.43 -17.90
C THR B 274 -25.39 -28.98 -19.02
N PRO B 275 -25.29 -28.49 -20.28
CA PRO B 275 -26.18 -28.99 -21.33
C PRO B 275 -26.02 -30.51 -21.56
N LYS B 276 -24.79 -31.00 -21.38
CA LYS B 276 -24.46 -32.44 -21.52
C LYS B 276 -25.21 -33.24 -20.45
N ILE B 277 -25.18 -32.80 -19.20
CA ILE B 277 -25.91 -33.47 -18.11
C ILE B 277 -27.40 -33.50 -18.48
N LEU B 278 -27.96 -32.39 -18.94
CA LEU B 278 -29.41 -32.29 -19.24
C LEU B 278 -29.77 -33.24 -20.39
N GLN B 279 -29.00 -33.22 -21.49
CA GLN B 279 -29.30 -34.02 -22.70
C GLN B 279 -29.18 -35.52 -22.33
N LEU B 280 -28.15 -35.92 -21.59
CA LEU B 280 -28.00 -37.37 -21.20
C LEU B 280 -29.19 -37.79 -20.34
N SER B 281 -29.76 -36.86 -19.58
CA SER B 281 -30.87 -37.11 -18.62
C SER B 281 -32.25 -37.03 -19.31
N GLY B 282 -32.29 -36.88 -20.63
CA GLY B 282 -33.54 -36.73 -21.40
C GLY B 282 -34.19 -35.35 -21.26
N ILE B 283 -33.39 -34.30 -20.96
CA ILE B 283 -33.89 -32.90 -20.98
C ILE B 283 -33.15 -32.18 -22.11
N GLY B 284 -33.85 -31.95 -23.22
CA GLY B 284 -33.19 -31.43 -24.41
C GLY B 284 -34.08 -31.52 -25.65
N PRO B 285 -33.50 -31.23 -26.82
CA PRO B 285 -34.23 -31.21 -28.08
C PRO B 285 -34.71 -32.64 -28.41
N ARG B 286 -35.99 -32.81 -28.70
CA ARG B 286 -36.59 -34.13 -29.06
CA ARG B 286 -36.59 -34.13 -29.06
C ARG B 286 -35.80 -34.76 -30.22
N LYS B 287 -35.48 -33.99 -31.26
CA LYS B 287 -34.83 -34.58 -32.45
C LYS B 287 -33.51 -35.22 -32.02
N LEU B 288 -32.71 -34.50 -31.22
CA LEU B 288 -31.38 -35.02 -30.78
C LEU B 288 -31.57 -36.28 -29.92
N LEU B 289 -32.42 -36.20 -28.91
CA LEU B 289 -32.62 -37.29 -27.92
C LEU B 289 -33.22 -38.52 -28.63
N ASN B 290 -34.24 -38.35 -29.48
CA ASN B 290 -34.74 -39.44 -30.37
C ASN B 290 -33.59 -40.08 -31.18
N GLU B 291 -32.78 -39.30 -31.92
CA GLU B 291 -31.62 -39.81 -32.70
C GLU B 291 -30.75 -40.73 -31.83
N LEU B 292 -30.50 -40.37 -30.56
CA LEU B 292 -29.57 -41.12 -29.67
C LEU B 292 -30.28 -42.20 -28.85
N GLY B 293 -31.61 -42.28 -28.93
CA GLY B 293 -32.37 -43.29 -28.19
C GLY B 293 -32.52 -42.93 -26.72
N ILE B 294 -32.44 -41.65 -26.40
CA ILE B 294 -32.65 -41.15 -25.00
C ILE B 294 -34.11 -40.79 -24.82
N PRO B 295 -34.84 -41.47 -23.92
CA PRO B 295 -36.21 -41.08 -23.59
C PRO B 295 -36.34 -39.63 -23.13
N VAL B 296 -37.26 -38.90 -23.76
CA VAL B 296 -37.42 -37.46 -23.52
C VAL B 296 -38.26 -37.28 -22.26
N ILE B 297 -37.69 -36.67 -21.21
CA ILE B 297 -38.39 -36.26 -19.96
C ILE B 297 -38.99 -34.86 -20.15
N SER B 298 -38.24 -33.95 -20.77
CA SER B 298 -38.68 -32.55 -21.02
C SER B 298 -38.11 -32.12 -22.36
N ASP B 299 -39.01 -31.84 -23.30
CA ASP B 299 -38.63 -31.47 -24.69
C ASP B 299 -38.30 -29.98 -24.67
N LEU B 300 -37.00 -29.67 -24.62
CA LEU B 300 -36.48 -28.27 -24.50
C LEU B 300 -35.47 -28.06 -25.60
N PRO B 301 -35.91 -27.56 -26.77
CA PRO B 301 -35.00 -27.31 -27.91
C PRO B 301 -33.88 -26.31 -27.58
N GLY B 302 -34.02 -25.48 -26.53
CA GLY B 302 -32.98 -24.54 -26.05
C GLY B 302 -31.71 -25.16 -25.50
N VAL B 303 -31.76 -26.41 -25.03
CA VAL B 303 -30.60 -27.04 -24.35
C VAL B 303 -29.49 -27.27 -25.39
N GLY B 304 -28.34 -26.62 -25.18
CA GLY B 304 -27.19 -26.74 -26.08
C GLY B 304 -27.24 -25.74 -27.23
N GLN B 305 -28.33 -24.98 -27.36
CA GLN B 305 -28.42 -23.86 -28.31
C GLN B 305 -27.77 -22.62 -27.66
N ASN B 306 -27.63 -21.56 -28.45
CA ASN B 306 -27.34 -20.18 -27.96
C ASN B 306 -25.92 -20.06 -27.36
N LEU B 307 -24.99 -20.98 -27.66
CA LEU B 307 -23.60 -20.91 -27.13
C LEU B 307 -23.00 -19.56 -27.55
N GLN B 308 -22.40 -18.90 -26.57
CA GLN B 308 -21.66 -17.64 -26.79
C GLN B 308 -20.31 -17.72 -26.09
N ASP B 309 -19.35 -16.99 -26.64
CA ASP B 309 -18.08 -16.70 -25.96
C ASP B 309 -17.74 -15.24 -26.29
N GLN B 310 -16.55 -14.80 -25.97
CA GLN B 310 -16.05 -13.44 -26.28
C GLN B 310 -14.78 -13.65 -27.08
N PRO B 311 -14.84 -13.63 -28.42
CA PRO B 311 -13.65 -13.84 -29.25
C PRO B 311 -12.47 -12.92 -28.94
N THR B 312 -11.28 -13.40 -29.32
CA THR B 312 -10.03 -12.70 -28.97
C THR B 312 -9.16 -12.61 -30.22
N LEU B 313 -8.37 -11.57 -30.27
CA LEU B 313 -7.39 -11.38 -31.36
C LEU B 313 -6.09 -10.90 -30.75
N THR B 314 -4.99 -11.55 -31.09
CA THR B 314 -3.65 -11.22 -30.57
C THR B 314 -2.90 -10.57 -31.75
N ILE B 315 -2.55 -9.31 -31.63
CA ILE B 315 -1.88 -8.54 -32.70
C ILE B 315 -0.41 -8.41 -32.34
N PRO B 316 0.50 -8.95 -33.19
CA PRO B 316 1.93 -8.91 -32.89
C PRO B 316 2.53 -7.56 -33.30
N TYR B 317 3.52 -7.08 -32.53
CA TYR B 317 4.27 -5.84 -32.78
C TYR B 317 5.78 -6.08 -32.65
N THR B 318 6.54 -5.23 -33.34
CA THR B 318 7.95 -4.98 -32.96
C THR B 318 8.06 -3.50 -32.59
N PHE B 319 9.12 -3.17 -31.88
CA PHE B 319 9.39 -1.81 -31.39
C PHE B 319 10.85 -1.47 -31.64
N THR B 320 11.10 -0.23 -32.06
CA THR B 320 12.47 0.31 -32.19
C THR B 320 12.94 0.84 -30.83
N ASN B 321 12.03 1.07 -29.87
CA ASN B 321 12.39 1.85 -28.66
C ASN B 321 11.44 1.52 -27.51
N ASN B 322 11.14 0.23 -27.30
CA ASN B 322 10.28 -0.20 -26.18
C ASN B 322 11.07 0.09 -24.89
N VAL B 323 10.36 0.42 -23.82
CA VAL B 323 10.96 0.71 -22.49
C VAL B 323 11.23 -0.59 -21.73
N PHE B 324 12.32 -0.61 -20.96
CA PHE B 324 12.70 -1.70 -20.01
C PHE B 324 12.38 -1.26 -18.59
N PRO B 325 11.87 -2.14 -17.70
CA PRO B 325 11.42 -3.49 -18.05
C PRO B 325 9.97 -3.53 -18.61
N ASN B 326 9.59 -4.67 -19.16
CA ASN B 326 8.24 -4.93 -19.72
C ASN B 326 7.89 -6.39 -19.45
N THR B 327 6.65 -6.83 -19.72
CA THR B 327 6.22 -8.22 -19.44
C THR B 327 7.19 -9.23 -20.10
N ASP B 328 7.70 -8.94 -21.28
CA ASP B 328 8.56 -9.91 -22.01
C ASP B 328 9.95 -10.06 -21.37
N SER B 329 10.39 -9.06 -20.60
CA SER B 329 11.62 -9.19 -19.76
C SER B 329 11.54 -10.44 -18.85
N LEU B 330 10.36 -10.78 -18.32
CA LEU B 330 10.21 -11.97 -17.44
C LEU B 330 10.59 -13.26 -18.18
N THR B 331 10.44 -13.29 -19.52
CA THR B 331 10.64 -14.50 -20.36
C THR B 331 12.07 -14.53 -20.88
N THR B 332 12.59 -13.39 -21.36
CA THR B 332 13.85 -13.38 -22.12
C THR B 332 15.05 -13.03 -21.23
N ASN B 333 14.82 -12.48 -20.04
CA ASN B 333 15.92 -11.95 -19.20
C ASN B 333 15.92 -12.73 -17.89
N ALA B 334 16.79 -13.76 -17.78
CA ALA B 334 16.83 -14.66 -16.63
C ALA B 334 17.09 -13.83 -15.35
N THR B 335 17.93 -12.80 -15.45
CA THR B 335 18.39 -11.97 -14.30
C THR B 335 17.20 -11.17 -13.78
N TYR B 336 16.51 -10.46 -14.67
CA TYR B 336 15.31 -9.66 -14.32
C TYR B 336 14.31 -10.59 -13.65
N ASN B 337 14.02 -11.72 -14.27
CA ASN B 337 13.04 -12.70 -13.76
C ASN B 337 13.43 -13.12 -12.34
N ALA B 338 14.66 -13.55 -12.15
CA ALA B 338 15.19 -14.02 -10.84
C ALA B 338 15.09 -12.90 -9.79
N GLU B 339 15.45 -11.67 -10.14
CA GLU B 339 15.42 -10.51 -9.22
C GLU B 339 13.97 -10.16 -8.86
N GLN B 340 13.05 -10.23 -9.82
CA GLN B 340 11.61 -9.94 -9.52
C GLN B 340 11.06 -11.08 -8.65
N ARG B 341 11.41 -12.35 -8.91
CA ARG B 341 10.90 -13.46 -8.08
C ARG B 341 11.50 -13.33 -6.65
N ALA B 342 12.78 -13.01 -6.48
CA ALA B 342 13.41 -12.79 -5.15
C ALA B 342 12.72 -11.62 -4.44
N LEU B 343 12.42 -10.54 -5.17
CA LEU B 343 11.72 -9.38 -4.60
C LEU B 343 10.35 -9.84 -4.08
N TYR B 344 9.60 -10.60 -4.87
CA TYR B 344 8.27 -11.14 -4.46
C TYR B 344 8.45 -12.05 -3.24
N ASP B 345 9.45 -12.93 -3.25
CA ASP B 345 9.64 -13.94 -2.18
C ASP B 345 9.94 -13.23 -0.85
N SER B 346 10.63 -12.09 -0.92
CA SER B 346 11.11 -11.32 0.26
C SER B 346 9.99 -10.39 0.75
N SER B 347 9.58 -9.39 -0.05
CA SER B 347 8.64 -8.34 0.42
C SER B 347 7.31 -8.29 -0.36
N LYS B 348 7.03 -9.29 -1.19
CA LYS B 348 5.78 -9.46 -1.98
C LYS B 348 5.57 -8.25 -2.87
N GLN B 349 6.65 -7.64 -3.38
CA GLN B 349 6.60 -6.46 -4.27
C GLN B 349 6.86 -6.91 -5.72
N GLY B 350 6.42 -6.12 -6.69
CA GLY B 350 6.96 -6.08 -8.06
C GLY B 350 6.16 -6.89 -9.10
N ALA B 351 6.83 -7.31 -10.19
CA ALA B 351 6.16 -7.79 -11.42
C ALA B 351 5.41 -9.11 -11.16
N TYR B 352 5.80 -9.90 -10.16
CA TYR B 352 5.14 -11.21 -9.88
C TYR B 352 3.75 -10.98 -9.25
N THR B 353 3.37 -9.75 -8.92
CA THR B 353 1.98 -9.50 -8.44
C THR B 353 1.01 -9.32 -9.62
N ILE B 354 1.55 -9.18 -10.83
CA ILE B 354 0.75 -9.03 -12.07
C ILE B 354 0.60 -10.44 -12.65
N VAL B 355 -0.58 -10.81 -13.15
CA VAL B 355 -0.75 -12.09 -13.87
C VAL B 355 0.19 -12.08 -15.08
N ASN B 356 0.96 -13.14 -15.24
CA ASN B 356 2.01 -13.20 -16.27
C ASN B 356 1.39 -12.95 -17.66
N SER B 357 1.99 -12.03 -18.40
CA SER B 357 1.65 -11.59 -19.78
C SER B 357 0.69 -10.40 -19.76
N LEU B 358 -0.03 -10.16 -18.66
CA LEU B 358 -0.96 -9.00 -18.52
C LEU B 358 -0.20 -7.75 -18.11
N SER B 359 -0.78 -6.61 -18.40
CA SER B 359 -0.43 -5.30 -17.83
C SER B 359 -1.47 -4.96 -16.76
N THR B 360 -1.53 -3.70 -16.37
CA THR B 360 -2.32 -3.26 -15.18
C THR B 360 -3.57 -2.53 -15.61
N ASN B 361 -3.61 -1.98 -16.82
CA ASN B 361 -4.73 -1.13 -17.31
C ASN B 361 -5.34 -1.76 -18.57
N ILE B 362 -6.51 -1.29 -18.95
CA ILE B 362 -7.33 -1.89 -20.02
C ILE B 362 -8.33 -0.85 -20.47
N GLY B 363 -8.94 -1.08 -21.64
CA GLY B 363 -9.93 -0.15 -22.20
C GLY B 363 -11.13 -0.87 -22.76
N VAL B 364 -12.32 -0.32 -22.51
CA VAL B 364 -13.59 -0.87 -23.01
C VAL B 364 -14.26 0.27 -23.77
N MET B 365 -14.91 -0.05 -24.89
CA MET B 365 -15.58 0.98 -25.70
C MET B 365 -16.92 0.49 -26.26
N SER B 366 -17.86 1.43 -26.33
CA SER B 366 -19.12 1.30 -27.06
C SER B 366 -18.87 1.24 -28.58
N LEU B 367 -19.92 0.90 -29.33
CA LEU B 367 -19.83 0.90 -30.79
C LEU B 367 -19.59 2.33 -31.29
N GLN B 368 -20.30 3.33 -30.76
CA GLN B 368 -20.09 4.73 -31.24
C GLN B 368 -18.70 5.24 -30.80
N ARG B 369 -18.13 4.72 -29.73
CA ARG B 369 -16.78 5.14 -29.30
C ARG B 369 -15.75 4.49 -30.24
N ALA B 370 -15.94 3.23 -30.64
CA ALA B 370 -15.03 2.52 -31.57
C ALA B 370 -15.14 3.17 -32.96
N ALA B 371 -16.35 3.51 -33.37
CA ALA B 371 -16.72 3.82 -34.77
C ALA B 371 -17.58 5.08 -34.82
N PRO B 372 -17.03 6.25 -34.44
CA PRO B 372 -17.84 7.45 -34.32
C PRO B 372 -18.40 7.97 -35.66
N LYS B 373 -17.77 7.65 -36.77
CA LYS B 373 -18.24 8.13 -38.10
C LYS B 373 -19.14 7.11 -38.82
N SER B 374 -19.25 5.87 -38.34
CA SER B 374 -19.86 4.78 -39.13
C SER B 374 -20.73 3.85 -38.29
N TYR B 375 -20.84 4.05 -36.98
CA TYR B 375 -21.65 3.14 -36.12
C TYR B 375 -23.13 3.05 -36.57
N ARG B 376 -23.72 4.12 -37.11
N ARG B 376 -23.70 4.14 -37.11
CA ARG B 376 -25.14 4.09 -37.52
CA ARG B 376 -25.12 4.16 -37.55
C ARG B 376 -25.33 3.24 -38.78
C ARG B 376 -25.32 3.26 -38.78
N GLN B 377 -24.30 3.16 -39.65
CA GLN B 377 -24.27 2.24 -40.81
C GLN B 377 -24.24 0.78 -40.34
N ILE B 378 -23.47 0.48 -39.30
CA ILE B 378 -23.40 -0.91 -38.76
C ILE B 378 -24.76 -1.28 -38.17
N ILE B 379 -25.34 -0.38 -37.37
CA ILE B 379 -26.67 -0.60 -36.74
C ILE B 379 -27.69 -0.85 -37.86
N ALA B 380 -27.67 -0.04 -38.92
CA ALA B 380 -28.62 -0.15 -40.04
C ALA B 380 -28.50 -1.55 -40.66
N ALA B 381 -27.29 -2.00 -40.98
CA ALA B 381 -27.05 -3.35 -41.55
C ALA B 381 -27.60 -4.42 -40.58
N ALA B 382 -27.35 -4.28 -39.29
CA ALA B 382 -27.79 -5.27 -38.29
C ALA B 382 -29.34 -5.28 -38.20
N ARG B 383 -29.96 -4.10 -38.21
CA ARG B 383 -31.43 -3.99 -38.04
CA ARG B 383 -31.44 -3.95 -38.07
C ARG B 383 -32.11 -4.52 -39.31
N ALA B 384 -31.48 -4.36 -40.47
CA ALA B 384 -32.05 -4.73 -41.78
C ALA B 384 -32.19 -6.25 -41.90
N ARG B 385 -31.23 -6.97 -41.31
CA ARG B 385 -31.07 -8.43 -41.55
C ARG B 385 -31.99 -9.18 -40.59
N SER B 386 -32.77 -10.12 -41.12
CA SER B 386 -33.62 -11.04 -40.33
CA SER B 386 -33.64 -10.97 -40.27
C SER B 386 -32.78 -11.75 -39.28
N ALA B 387 -33.20 -11.78 -38.03
CA ALA B 387 -32.55 -12.51 -36.92
C ALA B 387 -32.31 -13.97 -37.36
N SER B 388 -33.28 -14.59 -38.06
CA SER B 388 -33.21 -16.05 -38.38
C SER B 388 -32.00 -16.37 -39.28
N LEU B 389 -31.45 -15.43 -40.05
CA LEU B 389 -30.27 -15.74 -40.94
C LEU B 389 -29.04 -16.14 -40.10
N SER B 390 -29.00 -15.79 -38.80
CA SER B 390 -27.83 -16.04 -37.91
C SER B 390 -27.86 -17.47 -37.39
N LEU B 391 -28.92 -18.21 -37.69
CA LEU B 391 -29.10 -19.60 -37.20
C LEU B 391 -29.35 -20.48 -38.42
N PRO B 392 -29.03 -21.80 -38.35
CA PRO B 392 -29.34 -22.72 -39.43
C PRO B 392 -30.81 -22.75 -39.79
N PRO B 393 -31.16 -22.96 -41.08
CA PRO B 393 -32.54 -23.25 -41.42
C PRO B 393 -32.89 -24.54 -40.67
N GLY B 394 -34.13 -24.65 -40.23
CA GLY B 394 -34.55 -25.80 -39.43
C GLY B 394 -34.39 -25.55 -37.95
N THR B 395 -33.75 -24.42 -37.54
CA THR B 395 -33.61 -24.12 -36.09
C THR B 395 -35.02 -24.03 -35.50
N ASP B 396 -35.25 -24.63 -34.33
CA ASP B 396 -36.55 -24.54 -33.63
C ASP B 396 -37.09 -23.12 -33.61
N PRO B 397 -38.37 -22.90 -33.98
CA PRO B 397 -38.93 -21.53 -34.02
C PRO B 397 -38.92 -20.80 -32.67
N ALA B 398 -39.05 -21.51 -31.53
CA ALA B 398 -38.95 -20.92 -30.19
C ALA B 398 -37.51 -20.38 -29.98
N VAL B 399 -36.50 -21.14 -30.39
CA VAL B 399 -35.07 -20.71 -30.29
C VAL B 399 -34.87 -19.47 -31.17
N ILE B 400 -35.40 -19.44 -32.38
CA ILE B 400 -35.34 -18.23 -33.24
C ILE B 400 -35.99 -17.05 -32.53
N ARG B 401 -37.19 -17.18 -31.97
CA ARG B 401 -37.85 -16.06 -31.25
C ARG B 401 -36.96 -15.52 -30.10
N GLY B 402 -36.32 -16.39 -29.33
CA GLY B 402 -35.44 -15.98 -28.23
C GLY B 402 -34.21 -15.28 -28.77
N TYR B 403 -33.68 -15.74 -29.89
CA TYR B 403 -32.50 -15.10 -30.50
C TYR B 403 -32.93 -13.69 -30.99
N GLN B 404 -34.06 -13.60 -31.67
CA GLN B 404 -34.60 -12.29 -32.14
CA GLN B 404 -34.58 -12.29 -32.14
C GLN B 404 -34.68 -11.33 -30.94
N ALA B 405 -35.16 -11.80 -29.80
CA ALA B 405 -35.32 -10.92 -28.62
C ALA B 405 -33.95 -10.48 -28.10
N GLN B 406 -32.97 -11.40 -28.03
CA GLN B 406 -31.57 -11.07 -27.63
C GLN B 406 -30.99 -10.02 -28.60
N ARG B 407 -31.10 -10.28 -29.89
CA ARG B 407 -30.57 -9.44 -30.98
C ARG B 407 -31.15 -8.04 -30.85
N ASN B 408 -32.47 -7.89 -30.64
CA ASN B 408 -33.10 -6.56 -30.44
C ASN B 408 -32.49 -5.83 -29.24
N ALA B 409 -32.28 -6.52 -28.12
CA ALA B 409 -31.63 -5.92 -26.93
C ALA B 409 -30.22 -5.48 -27.28
N ILE B 410 -29.46 -6.27 -28.06
CA ILE B 410 -28.03 -5.96 -28.33
C ILE B 410 -27.99 -4.78 -29.30
N LEU B 411 -28.91 -4.70 -30.26
CA LEU B 411 -28.93 -3.55 -31.20
C LEU B 411 -29.21 -2.26 -30.39
N LYS B 412 -30.11 -2.28 -29.37
CA LYS B 412 -30.26 -1.12 -28.46
C LYS B 412 -28.93 -0.83 -27.73
N GLN B 413 -28.17 -1.86 -27.36
CA GLN B 413 -26.82 -1.68 -26.73
C GLN B 413 -25.85 -1.03 -27.73
N PHE B 414 -25.91 -1.41 -29.01
CA PHE B 414 -25.07 -0.84 -30.09
C PHE B 414 -25.31 0.68 -30.19
N GLU B 415 -26.52 1.14 -29.90
CA GLU B 415 -26.97 2.56 -29.96
C GLU B 415 -26.59 3.30 -28.67
N ASN B 416 -26.30 2.57 -27.60
CA ASN B 416 -26.10 3.10 -26.23
C ASN B 416 -24.64 3.53 -26.11
N PRO B 417 -24.34 4.83 -25.85
CA PRO B 417 -22.94 5.23 -25.62
C PRO B 417 -22.35 4.66 -24.32
N ASN B 418 -23.17 4.08 -23.43
CA ASN B 418 -22.67 3.63 -22.10
C ASN B 418 -22.63 2.09 -21.96
N VAL B 419 -22.63 1.35 -23.06
CA VAL B 419 -22.52 -0.12 -23.05
C VAL B 419 -21.30 -0.52 -23.90
N GLY B 420 -20.39 -1.32 -23.35
CA GLY B 420 -19.19 -1.78 -24.11
C GLY B 420 -19.49 -2.89 -25.13
N VAL B 421 -18.74 -2.96 -26.23
CA VAL B 421 -18.85 -4.06 -27.24
C VAL B 421 -17.46 -4.63 -27.50
N GLY B 422 -16.42 -4.00 -26.94
CA GLY B 422 -15.03 -4.36 -27.25
C GLY B 422 -14.11 -3.95 -26.13
N THR B 423 -13.01 -4.69 -26.01
CA THR B 423 -11.91 -4.47 -25.05
C THR B 423 -10.59 -4.38 -25.82
N VAL B 424 -9.72 -3.46 -25.39
CA VAL B 424 -8.33 -3.34 -25.88
C VAL B 424 -7.38 -3.40 -24.68
N HIS B 425 -6.27 -4.12 -24.84
CA HIS B 425 -5.25 -4.30 -23.80
C HIS B 425 -3.88 -4.35 -24.49
N TRP B 426 -2.85 -3.90 -23.80
CA TRP B 426 -1.44 -4.15 -24.20
C TRP B 426 -0.64 -4.61 -22.98
N GLY B 427 -0.12 -5.84 -23.02
CA GLY B 427 0.67 -6.42 -21.94
C GLY B 427 1.98 -5.68 -21.65
N THR B 428 2.45 -4.81 -22.56
CA THR B 428 3.70 -3.99 -22.55
C THR B 428 4.78 -4.72 -23.35
N GLY B 429 4.47 -5.90 -23.90
CA GLY B 429 5.43 -6.66 -24.73
C GLY B 429 5.01 -6.75 -26.17
N SER B 430 5.26 -7.92 -26.77
CA SER B 430 5.26 -8.12 -28.25
C SER B 430 3.84 -8.23 -28.82
N SER B 431 2.80 -8.20 -28.00
CA SER B 431 1.46 -8.32 -28.62
C SER B 431 0.43 -7.50 -27.85
N ALA B 432 -0.60 -7.10 -28.56
CA ALA B 432 -1.81 -6.43 -27.99
C ALA B 432 -3.00 -7.37 -28.14
N LEU B 433 -4.05 -7.16 -27.35
CA LEU B 433 -5.25 -8.02 -27.33
C LEU B 433 -6.44 -7.13 -27.67
N VAL B 434 -7.31 -7.65 -28.52
CA VAL B 434 -8.62 -7.02 -28.83
C VAL B 434 -9.70 -8.08 -28.67
N TYR B 435 -10.64 -7.83 -27.76
CA TYR B 435 -11.73 -8.75 -27.43
C TYR B 435 -13.06 -8.22 -27.95
N HIS B 436 -13.84 -9.11 -28.55
CA HIS B 436 -15.19 -8.82 -29.07
C HIS B 436 -16.17 -9.30 -28.00
N LEU B 437 -16.78 -8.35 -27.29
CA LEU B 437 -17.57 -8.67 -26.05
C LEU B 437 -19.00 -9.11 -26.41
N LYS B 438 -19.56 -8.63 -27.53
CA LYS B 438 -21.02 -8.71 -27.79
C LYS B 438 -21.28 -9.33 -29.17
N PRO B 439 -20.83 -10.57 -29.43
CA PRO B 439 -21.10 -11.18 -30.72
C PRO B 439 -22.60 -11.46 -30.89
N LEU B 440 -23.08 -11.29 -32.12
CA LEU B 440 -24.45 -11.65 -32.55
C LEU B 440 -24.44 -13.09 -33.06
N SER B 441 -23.28 -13.67 -33.38
CA SER B 441 -23.17 -15.10 -33.74
C SER B 441 -23.56 -15.99 -32.56
N ARG B 442 -24.16 -17.16 -32.86
CA ARG B 442 -24.56 -18.17 -31.85
C ARG B 442 -24.13 -19.57 -32.29
N GLY B 443 -23.63 -20.36 -31.34
CA GLY B 443 -23.12 -21.70 -31.59
C GLY B 443 -23.96 -22.75 -30.90
N THR B 444 -23.42 -23.96 -30.85
CA THR B 444 -24.09 -25.17 -30.29
C THR B 444 -23.11 -25.98 -29.47
N VAL B 445 -23.64 -26.63 -28.45
CA VAL B 445 -22.94 -27.74 -27.74
C VAL B 445 -23.93 -28.89 -27.54
N ASN B 446 -23.68 -29.99 -28.24
CA ASN B 446 -24.58 -31.17 -28.27
C ASN B 446 -23.80 -32.45 -28.00
N ILE B 447 -24.38 -33.32 -27.19
CA ILE B 447 -23.80 -34.69 -27.02
C ILE B 447 -23.82 -35.44 -28.35
N ARG B 448 -22.84 -36.33 -28.53
CA ARG B 448 -22.65 -37.11 -29.78
C ARG B 448 -23.07 -38.57 -29.54
N SER B 449 -23.28 -38.94 -28.27
CA SER B 449 -23.52 -40.34 -27.83
C SER B 449 -24.13 -40.33 -26.43
N THR B 450 -24.55 -41.51 -25.97
CA THR B 450 -25.04 -41.73 -24.59
C THR B 450 -23.87 -42.01 -23.63
N ASN B 451 -22.64 -42.05 -24.12
CA ASN B 451 -21.49 -42.39 -23.26
C ASN B 451 -21.04 -41.13 -22.50
N PRO B 452 -21.18 -41.08 -21.15
CA PRO B 452 -20.92 -39.87 -20.37
C PRO B 452 -19.44 -39.44 -20.38
N LEU B 453 -18.56 -40.29 -20.89
CA LEU B 453 -17.13 -39.98 -21.05
C LEU B 453 -16.84 -39.26 -22.38
N ASP B 454 -17.76 -39.25 -23.34
CA ASP B 454 -17.54 -38.72 -24.71
C ASP B 454 -17.71 -37.20 -24.67
N ALA B 455 -16.74 -36.49 -25.22
CA ALA B 455 -16.83 -35.03 -25.41
C ALA B 455 -18.09 -34.70 -26.20
N PRO B 456 -18.76 -33.57 -25.92
CA PRO B 456 -19.82 -33.09 -26.80
C PRO B 456 -19.23 -32.43 -28.05
N GLU B 457 -20.06 -32.32 -29.10
CA GLU B 457 -19.73 -31.53 -30.30
C GLU B 457 -19.86 -30.05 -29.94
N ILE B 458 -18.77 -29.31 -30.12
CA ILE B 458 -18.66 -27.87 -29.75
C ILE B 458 -18.43 -27.04 -31.02
N ASP B 459 -19.45 -26.29 -31.42
CA ASP B 459 -19.41 -25.45 -32.63
C ASP B 459 -19.68 -23.99 -32.24
N TYR B 460 -18.63 -23.19 -32.08
CA TYR B 460 -18.74 -21.76 -31.66
C TYR B 460 -19.57 -20.94 -32.68
N ARG B 461 -19.42 -21.24 -33.97
CA ARG B 461 -20.09 -20.50 -35.09
C ARG B 461 -19.64 -19.03 -35.01
N THR B 462 -18.39 -18.81 -34.57
CA THR B 462 -17.74 -17.49 -34.56
C THR B 462 -17.77 -16.90 -35.97
N GLY B 463 -18.21 -15.66 -36.07
CA GLY B 463 -18.12 -14.88 -37.31
C GLY B 463 -19.05 -15.39 -38.38
N THR B 464 -20.06 -16.19 -38.02
CA THR B 464 -21.10 -16.64 -38.98
C THR B 464 -22.08 -15.48 -39.25
N ASP B 465 -22.37 -14.65 -38.26
CA ASP B 465 -23.14 -13.40 -38.45
C ASP B 465 -22.19 -12.34 -38.99
N PRO B 466 -22.39 -11.84 -40.23
CA PRO B 466 -21.43 -10.89 -40.85
C PRO B 466 -21.36 -9.52 -40.17
N ILE B 467 -22.35 -9.15 -39.33
CA ILE B 467 -22.28 -7.92 -38.48
C ILE B 467 -21.08 -8.01 -37.51
N ASP B 468 -20.75 -9.19 -36.99
CA ASP B 468 -19.63 -9.38 -36.03
C ASP B 468 -18.32 -8.88 -36.66
N ALA B 469 -18.08 -9.13 -37.94
CA ALA B 469 -16.83 -8.73 -38.62
C ALA B 469 -16.78 -7.19 -38.74
N GLN B 470 -17.94 -6.54 -38.90
CA GLN B 470 -18.00 -5.06 -38.96
C GLN B 470 -17.60 -4.50 -37.59
N VAL B 471 -18.16 -5.05 -36.52
CA VAL B 471 -17.86 -4.57 -35.15
C VAL B 471 -16.39 -4.83 -34.85
N TYR B 472 -15.92 -6.03 -35.16
CA TYR B 472 -14.55 -6.45 -34.78
C TYR B 472 -13.51 -5.64 -35.55
N THR B 473 -13.75 -5.36 -36.84
CA THR B 473 -12.88 -4.51 -37.69
C THR B 473 -12.80 -3.09 -37.10
N SER B 474 -13.92 -2.52 -36.62
CA SER B 474 -13.90 -1.21 -35.95
CA SER B 474 -13.88 -1.20 -35.96
C SER B 474 -13.02 -1.26 -34.69
N LEU B 475 -13.08 -2.35 -33.92
CA LEU B 475 -12.28 -2.49 -32.69
C LEU B 475 -10.80 -2.51 -33.06
N PHE B 476 -10.47 -3.26 -34.10
CA PHE B 476 -9.08 -3.35 -34.60
C PHE B 476 -8.60 -1.94 -34.89
N ARG B 477 -9.39 -1.16 -35.62
CA ARG B 477 -9.00 0.20 -36.05
C ARG B 477 -8.75 1.09 -34.82
N LYS B 478 -9.57 0.98 -33.76
CA LYS B 478 -9.36 1.78 -32.53
C LYS B 478 -8.04 1.35 -31.87
N ASN B 479 -7.74 0.07 -31.80
CA ASN B 479 -6.43 -0.40 -31.29
C ASN B 479 -5.29 0.25 -32.11
N ARG B 480 -5.40 0.23 -33.43
CA ARG B 480 -4.37 0.83 -34.32
C ARG B 480 -4.23 2.34 -34.03
N GLU B 481 -5.32 3.07 -33.75
CA GLU B 481 -5.24 4.49 -33.30
C GLU B 481 -4.37 4.62 -32.04
N ILE B 482 -4.56 3.77 -31.03
CA ILE B 482 -3.77 3.82 -29.76
C ILE B 482 -2.27 3.73 -30.11
N PHE B 483 -1.90 2.75 -30.90
CA PHE B 483 -0.48 2.45 -31.23
C PHE B 483 0.12 3.57 -32.10
N ASN B 484 -0.70 4.31 -32.82
CA ASN B 484 -0.26 5.44 -33.67
C ASN B 484 -0.26 6.76 -32.91
N ALA B 485 -0.80 6.82 -31.68
CA ALA B 485 -0.90 8.09 -30.94
C ALA B 485 0.49 8.50 -30.42
N PRO B 486 0.69 9.82 -30.23
CA PRO B 486 1.98 10.36 -29.78
C PRO B 486 2.69 9.59 -28.65
N SER B 487 1.96 9.27 -27.57
CA SER B 487 2.55 8.64 -26.36
C SER B 487 3.03 7.21 -26.66
N MET B 488 2.50 6.52 -27.68
CA MET B 488 2.97 5.16 -28.05
C MET B 488 4.02 5.29 -29.16
N ARG B 489 3.91 6.31 -30.03
CA ARG B 489 4.88 6.48 -31.14
CA ARG B 489 4.88 6.57 -31.13
C ARG B 489 6.31 6.65 -30.59
N VAL B 490 6.49 7.22 -29.41
CA VAL B 490 7.85 7.34 -28.81
C VAL B 490 8.50 5.96 -28.58
N LEU B 491 7.73 4.87 -28.45
CA LEU B 491 8.30 3.51 -28.29
C LEU B 491 8.63 2.86 -29.65
N GLY B 492 8.26 3.48 -30.77
CA GLY B 492 8.52 3.00 -32.15
C GLY B 492 7.83 1.70 -32.48
N PRO B 493 6.51 1.53 -32.20
CA PRO B 493 5.80 0.30 -32.54
C PRO B 493 5.48 0.18 -34.03
N SER B 494 5.50 -1.05 -34.54
CA SER B 494 4.88 -1.35 -35.84
CA SER B 494 5.00 -1.42 -35.87
C SER B 494 4.22 -2.73 -35.75
N GLU B 495 3.07 -2.83 -36.40
CA GLU B 495 2.39 -4.13 -36.53
C GLU B 495 3.34 -5.08 -37.28
N ALA B 496 3.46 -6.30 -36.77
CA ALA B 496 4.25 -7.39 -37.37
C ALA B 496 3.34 -8.26 -38.25
N ALA B 497 3.95 -9.03 -39.15
CA ALA B 497 3.23 -10.02 -39.98
C ALA B 497 2.41 -10.95 -39.09
N PRO B 498 1.18 -11.39 -39.49
CA PRO B 498 0.56 -11.06 -40.77
C PRO B 498 -0.26 -9.76 -40.83
N PHE B 499 -0.18 -8.93 -39.80
CA PHE B 499 -0.76 -7.56 -39.84
C PHE B 499 0.24 -6.60 -40.49
N GLY B 500 0.05 -5.30 -40.35
CA GLY B 500 0.92 -4.29 -40.99
C GLY B 500 0.18 -3.04 -41.40
N ALA B 501 0.86 -1.89 -41.35
CA ALA B 501 0.31 -0.57 -41.73
C ALA B 501 -0.19 -0.59 -43.20
N ASN B 502 0.35 -1.46 -44.06
CA ASN B 502 -0.08 -1.53 -45.49
C ASN B 502 -1.45 -2.21 -45.63
N LEU B 503 -1.98 -2.88 -44.60
CA LEU B 503 -3.39 -3.36 -44.63
C LEU B 503 -4.29 -2.20 -44.20
N THR B 504 -5.02 -1.58 -45.15
CA THR B 504 -5.79 -0.34 -44.89
C THR B 504 -7.30 -0.55 -45.11
N THR B 505 -7.72 -1.48 -45.97
CA THR B 505 -9.17 -1.68 -46.25
C THR B 505 -9.76 -2.63 -45.23
N ASP B 506 -11.08 -2.55 -45.03
CA ASP B 506 -11.82 -3.49 -44.14
C ASP B 506 -11.51 -4.92 -44.59
N GLU B 507 -11.52 -5.15 -45.90
CA GLU B 507 -11.40 -6.52 -46.48
C GLU B 507 -10.00 -7.07 -46.16
N GLU B 508 -8.98 -6.25 -46.35
CA GLU B 508 -7.55 -6.59 -46.13
C GLU B 508 -7.33 -6.97 -44.65
N ILE B 509 -7.86 -6.14 -43.77
CA ILE B 509 -7.70 -6.30 -42.29
C ILE B 509 -8.50 -7.54 -41.88
N TYR B 510 -9.77 -7.65 -42.28
CA TYR B 510 -10.63 -8.75 -41.76
C TYR B 510 -10.16 -10.10 -42.32
N ALA B 511 -9.59 -10.14 -43.53
CA ALA B 511 -9.05 -11.41 -44.06
C ALA B 511 -8.02 -11.99 -43.08
N VAL B 512 -7.13 -11.15 -42.55
CA VAL B 512 -6.09 -11.57 -41.60
C VAL B 512 -6.76 -11.95 -40.29
N MET B 513 -7.72 -11.14 -39.84
CA MET B 513 -8.43 -11.45 -38.57
C MET B 513 -9.15 -12.82 -38.65
N ARG B 514 -9.79 -13.13 -39.78
CA ARG B 514 -10.49 -14.41 -40.02
C ARG B 514 -9.56 -15.61 -39.75
N GLU B 515 -8.28 -15.48 -40.13
CA GLU B 515 -7.26 -16.51 -39.92
C GLU B 515 -6.76 -16.57 -38.45
N LEU B 516 -6.81 -15.49 -37.67
CA LEU B 516 -6.17 -15.42 -36.32
C LEU B 516 -7.17 -15.38 -35.16
N ILE B 517 -8.40 -14.87 -35.36
CA ILE B 517 -9.38 -14.82 -34.24
C ILE B 517 -9.43 -16.18 -33.54
N ASN B 518 -9.36 -16.15 -32.20
CA ASN B 518 -9.72 -17.31 -31.39
C ASN B 518 -11.21 -17.18 -31.09
N PRO B 519 -12.06 -18.19 -31.39
CA PRO B 519 -13.48 -18.13 -30.99
C PRO B 519 -13.74 -17.81 -29.52
N SER B 520 -12.76 -18.13 -28.64
CA SER B 520 -13.01 -18.29 -27.19
C SER B 520 -11.90 -17.65 -26.33
N ASN B 521 -12.34 -17.04 -25.25
CA ASN B 521 -11.50 -16.64 -24.09
C ASN B 521 -11.87 -17.50 -22.87
N ALA B 522 -12.39 -18.71 -23.11
CA ALA B 522 -12.99 -19.62 -22.10
C ALA B 522 -14.11 -18.88 -21.35
N HIS B 523 -14.90 -18.04 -22.03
CA HIS B 523 -16.09 -17.38 -21.42
C HIS B 523 -17.41 -18.06 -21.88
N GLN B 524 -17.42 -19.37 -22.06
CA GLN B 524 -18.56 -20.09 -22.67
C GLN B 524 -19.78 -19.84 -21.78
N CYS B 525 -20.90 -19.49 -22.39
CA CYS B 525 -22.15 -19.21 -21.63
C CYS B 525 -23.38 -19.59 -22.44
N CYS B 526 -24.55 -19.50 -21.79
CA CYS B 526 -25.84 -19.17 -22.41
C CYS B 526 -26.51 -20.39 -23.08
N THR B 527 -26.02 -21.59 -22.77
CA THR B 527 -26.42 -22.87 -23.41
C THR B 527 -27.57 -23.54 -22.68
N ALA B 528 -28.06 -22.95 -21.59
CA ALA B 528 -29.27 -23.37 -20.86
C ALA B 528 -29.98 -22.10 -20.42
N ALA B 529 -30.34 -21.27 -21.39
CA ALA B 529 -30.63 -19.84 -21.19
C ALA B 529 -31.88 -19.66 -20.32
N MET B 530 -31.80 -18.64 -19.48
CA MET B 530 -32.92 -18.07 -18.68
C MET B 530 -33.74 -17.17 -19.59
N MET B 531 -34.68 -17.76 -20.31
CA MET B 531 -35.70 -17.04 -21.11
C MET B 531 -36.99 -17.84 -20.99
N PRO B 532 -38.14 -17.20 -21.24
CA PRO B 532 -39.41 -17.94 -21.37
C PRO B 532 -39.24 -19.18 -22.28
N LYS B 533 -39.90 -20.29 -21.90
CA LYS B 533 -39.89 -21.54 -22.71
C LYS B 533 -40.28 -21.25 -24.17
N ASP B 534 -41.22 -20.33 -24.41
CA ASP B 534 -41.72 -20.05 -25.79
C ASP B 534 -40.71 -19.19 -26.56
N MET B 535 -39.60 -18.81 -25.92
CA MET B 535 -38.47 -18.11 -26.56
CA MET B 535 -38.46 -18.10 -26.54
C MET B 535 -37.22 -19.03 -26.59
N GLY B 536 -37.42 -20.33 -26.44
CA GLY B 536 -36.32 -21.31 -26.51
C GLY B 536 -35.54 -21.36 -25.21
N GLY B 537 -36.08 -20.83 -24.13
CA GLY B 537 -35.45 -20.85 -22.80
C GLY B 537 -35.45 -22.23 -22.19
N VAL B 538 -34.47 -22.48 -21.33
CA VAL B 538 -34.31 -23.76 -20.62
C VAL B 538 -34.68 -23.60 -19.14
N VAL B 539 -34.49 -22.41 -18.57
CA VAL B 539 -34.81 -22.16 -17.14
C VAL B 539 -35.67 -20.94 -16.97
N SER B 540 -36.49 -20.97 -15.93
CA SER B 540 -37.34 -19.84 -15.49
C SER B 540 -36.48 -18.71 -14.90
N SER B 541 -37.12 -17.64 -14.43
CA SER B 541 -36.44 -16.51 -13.75
C SER B 541 -35.86 -16.96 -12.39
N GLU B 542 -36.33 -18.10 -11.87
CA GLU B 542 -35.86 -18.71 -10.61
C GLU B 542 -34.83 -19.81 -10.92
N GLN B 543 -34.41 -19.92 -12.18
CA GLN B 543 -33.36 -20.81 -12.72
C GLN B 543 -33.80 -22.29 -12.61
N LYS B 544 -35.11 -22.54 -12.47
CA LYS B 544 -35.69 -23.90 -12.52
C LYS B 544 -35.85 -24.37 -13.97
N VAL B 545 -35.38 -25.58 -14.24
CA VAL B 545 -35.49 -26.21 -15.59
C VAL B 545 -36.97 -26.49 -15.87
N TYR B 546 -37.43 -26.04 -17.04
CA TYR B 546 -38.81 -26.22 -17.51
C TYR B 546 -39.16 -27.71 -17.59
N GLY B 547 -40.32 -28.03 -17.02
CA GLY B 547 -40.99 -29.32 -17.17
C GLY B 547 -40.57 -30.33 -16.12
N VAL B 548 -39.67 -29.97 -15.22
CA VAL B 548 -39.21 -30.87 -14.13
C VAL B 548 -39.10 -30.05 -12.84
N GLN B 549 -39.26 -30.72 -11.70
CA GLN B 549 -39.24 -30.11 -10.35
C GLN B 549 -37.92 -30.47 -9.64
N GLY B 550 -37.43 -29.60 -8.78
CA GLY B 550 -36.28 -29.88 -7.92
C GLY B 550 -34.97 -29.79 -8.68
N LEU B 551 -34.95 -29.05 -9.80
CA LEU B 551 -33.74 -28.97 -10.66
C LEU B 551 -33.49 -27.52 -11.10
N ARG B 552 -32.27 -27.03 -10.88
CA ARG B 552 -31.89 -25.65 -11.27
C ARG B 552 -30.55 -25.66 -12.01
N VAL B 553 -30.29 -24.59 -12.73
CA VAL B 553 -28.96 -24.32 -13.36
C VAL B 553 -28.40 -23.07 -12.66
N ALA B 554 -27.22 -23.20 -12.07
CA ALA B 554 -26.52 -22.11 -11.35
C ALA B 554 -25.39 -21.47 -12.16
N ASP B 555 -24.72 -22.26 -13.01
CA ASP B 555 -23.52 -21.82 -13.77
C ASP B 555 -23.98 -20.92 -14.92
N ILE B 556 -23.02 -20.31 -15.65
CA ILE B 556 -23.36 -19.20 -16.58
C ILE B 556 -23.93 -19.78 -17.89
N SER B 557 -24.22 -21.09 -17.94
CA SER B 557 -25.16 -21.66 -18.92
C SER B 557 -26.48 -20.85 -18.88
N PHE B 558 -26.88 -20.36 -17.73
CA PHE B 558 -28.22 -19.72 -17.61
C PHE B 558 -28.28 -18.34 -18.27
N TRP B 559 -27.13 -17.65 -18.51
CA TRP B 559 -27.15 -16.26 -19.03
C TRP B 559 -27.85 -16.22 -20.39
N PRO B 560 -28.72 -15.22 -20.67
CA PRO B 560 -29.22 -15.01 -22.02
C PRO B 560 -28.14 -14.66 -23.04
N PHE B 561 -27.27 -13.70 -22.69
CA PHE B 561 -26.19 -13.26 -23.61
C PHE B 561 -25.02 -12.63 -22.81
N GLN B 562 -23.90 -12.52 -23.48
CA GLN B 562 -22.61 -12.04 -22.92
C GLN B 562 -22.74 -10.60 -22.37
N LEU B 563 -21.94 -10.30 -21.34
CA LEU B 563 -21.81 -8.98 -20.69
C LEU B 563 -20.88 -8.06 -21.45
N SER B 564 -20.99 -6.77 -21.18
CA SER B 564 -19.92 -5.77 -21.37
C SER B 564 -18.83 -6.05 -20.31
N GLY B 565 -17.99 -7.06 -20.53
CA GLY B 565 -16.99 -7.49 -19.55
C GLY B 565 -16.89 -8.99 -19.44
N SER B 566 -15.87 -9.42 -18.72
CA SER B 566 -15.58 -10.85 -18.49
CA SER B 566 -15.55 -10.84 -18.46
C SER B 566 -16.53 -11.40 -17.42
N PRO B 567 -16.83 -12.72 -17.44
CA PRO B 567 -17.93 -13.26 -16.65
C PRO B 567 -17.68 -13.47 -15.14
N MET B 568 -16.43 -13.54 -14.65
CA MET B 568 -16.16 -14.09 -13.29
C MET B 568 -16.95 -13.34 -12.20
N ALA B 569 -16.93 -12.01 -12.19
CA ALA B 569 -17.54 -11.24 -11.08
C ALA B 569 -19.04 -11.56 -11.01
N THR B 570 -19.71 -11.62 -12.16
CA THR B 570 -21.16 -11.94 -12.26
C THR B 570 -21.39 -13.44 -11.96
N ALA B 571 -20.48 -14.35 -12.30
CA ALA B 571 -20.59 -15.78 -11.92
C ALA B 571 -20.69 -15.89 -10.39
N TYR B 572 -19.87 -15.16 -9.64
CA TYR B 572 -19.95 -15.16 -8.16
C TYR B 572 -21.29 -14.54 -7.73
N ALA B 573 -21.62 -13.35 -8.24
CA ALA B 573 -22.78 -12.58 -7.71
C ALA B 573 -24.09 -13.31 -8.07
N GLY B 574 -24.15 -13.94 -9.24
CA GLY B 574 -25.32 -14.73 -9.67
C GLY B 574 -25.59 -15.92 -8.74
N ALA B 575 -24.52 -16.55 -8.27
CA ALA B 575 -24.60 -17.68 -7.33
C ALA B 575 -25.02 -17.17 -5.95
N GLU B 576 -24.50 -16.00 -5.55
CA GLU B 576 -24.95 -15.33 -4.29
C GLU B 576 -26.47 -15.10 -4.36
N ARG B 577 -26.97 -14.59 -5.49
CA ARG B 577 -28.40 -14.29 -5.65
C ARG B 577 -29.22 -15.60 -5.61
N LEU B 578 -28.76 -16.63 -6.31
CA LEU B 578 -29.51 -17.91 -6.39
C LEU B 578 -29.56 -18.56 -5.01
N ALA B 579 -28.47 -18.49 -4.22
CA ALA B 579 -28.47 -19.06 -2.87
C ALA B 579 -29.68 -18.48 -2.11
N ASP B 580 -29.86 -17.16 -2.17
CA ASP B 580 -30.97 -16.50 -1.42
C ASP B 580 -32.31 -17.00 -1.95
N VAL B 581 -32.46 -17.12 -3.26
CA VAL B 581 -33.72 -17.60 -3.91
C VAL B 581 -34.06 -19.00 -3.39
N ILE B 582 -33.08 -19.89 -3.39
CA ILE B 582 -33.27 -21.29 -2.89
C ILE B 582 -33.61 -21.27 -1.38
N LYS B 583 -32.90 -20.50 -0.58
CA LYS B 583 -33.15 -20.45 0.88
C LYS B 583 -34.59 -19.97 1.13
N LYS B 584 -35.06 -19.03 0.31
CA LYS B 584 -36.40 -18.42 0.52
C LYS B 584 -37.48 -19.50 0.26
N GLU B 585 -37.30 -20.28 -0.79
CA GLU B 585 -38.29 -21.30 -1.18
C GLU B 585 -38.34 -22.38 -0.10
N HIS B 586 -37.20 -22.80 0.45
CA HIS B 586 -37.12 -23.91 1.43
C HIS B 586 -36.98 -23.43 2.87
N ARG B 587 -37.26 -22.15 3.15
CA ARG B 587 -37.31 -21.62 4.54
C ARG B 587 -36.03 -22.00 5.30
N LEU B 588 -34.85 -21.68 4.77
CA LEU B 588 -33.54 -22.13 5.31
C LEU B 588 -32.92 -21.04 6.20
#